data_2X92
#
_entry.id   2X92
#
_cell.length_a   173.169
_cell.length_b   173.169
_cell.length_c   103.601
_cell.angle_alpha   90.00
_cell.angle_beta   90.00
_cell.angle_gamma   120.00
#
_symmetry.space_group_name_H-M   'H 3'
#
loop_
_entity.id
_entity.type
_entity.pdbx_description
1 polymer 'ANGIOTENSIN CONVERTING ENZYME'
2 branched beta-D-mannopyranose-(1-6)-alpha-D-mannopyranose-(1-3)-[alpha-D-mannopyranose-(1-6)]beta-D-mannopyranose-(1-4)-2-acetamido-2-deoxy-beta-D-glucopyranose-(1-4)-2-acetamido-2-deoxy-beta-D-glucopyranose
3 non-polymer '4-(2-HYDROXYETHYL)-1-PIPERAZINE ETHANESULFONIC ACID'
4 non-polymer 'ZINC ION'
5 non-polymer 2-acetamido-2-deoxy-beta-D-glucopyranose
6 non-polymer Ramiprilat
7 water water
#
_entity_poly.entity_id   1
_entity_poly.type   'polypeptide(L)'
_entity_poly.pdbx_seq_one_letter_code
;ALVKEEIQAKEYLENLNKELAKRTNVETEAAWAYGSNITDENEKKKNEISAELAKFMKEVASDTTKFQWRSYQSEDLKRQ
FKALTKLGYAALPEDDYAELLDTLSAMESNFAKVKVCDYKDSTKCDLALDPEIEEVISKSRDHEELAYYWREFYDKAGTA
VRSQFERYVELNTKAAKLNNFTSGAEAWLDEYEDDTFEQQLEDIFADIRPLYQQIHGYVRFRLRKHYGDAVVSETGPIPM
HLLGNMWAQQWSEIADIVSPFPEKPLVDVSAEMEKQGYTPLKMFQMGDDFFTSMNLTKLPQDFWDKSIIEKPTDGRDLVC
HASAWDFYLTDDVRIKQCTRVTQDQLFTVHHELGHIQYFLQYQHQPFVYRTGANPGFHEAVGDVLSLSVSTPKHLEKIGL
LKDYVRDDEARINQLFLTALDKIVFLPFAFTMDKYRWSLFRGEVDKANWNCAFWKLRDEYSGIEPPVVRSEKDFDAPAKY
HISADVEYLRYLVSFIIQFQFYKSACIKAGQYDPDNVELPLDNCDIYGSAAAGAAFHNMLSMGASKPWPDALEAFNGERI
MSGKAIAEYFEPLRVWLEAENIKNNVHIGWTTSNKCVSS
;
_entity_poly.pdbx_strand_id   A
#
loop_
_chem_comp.id
_chem_comp.type
_chem_comp.name
_chem_comp.formula
BMA D-saccharide, beta linking beta-D-mannopyranose 'C6 H12 O6'
EPE non-polymer '4-(2-HYDROXYETHYL)-1-PIPERAZINE ETHANESULFONIC ACID' 'C8 H18 N2 O4 S'
MAN D-saccharide, alpha linking alpha-D-mannopyranose 'C6 H12 O6'
NAG D-saccharide, beta linking 2-acetamido-2-deoxy-beta-D-glucopyranose 'C8 H15 N O6'
X92 non-polymer Ramiprilat 'C21 H28 N2 O5'
ZN non-polymer 'ZINC ION' 'Zn 2'
#
# COMPACT_ATOMS: atom_id res chain seq x y z
N ALA A 1 -22.47 -29.03 -30.82
CA ALA A 1 -23.31 -28.42 -29.74
C ALA A 1 -22.47 -28.04 -28.50
N LEU A 2 -23.15 -27.55 -27.46
CA LEU A 2 -22.50 -26.91 -26.31
C LEU A 2 -21.83 -27.87 -25.32
N VAL A 3 -22.33 -29.10 -25.25
CA VAL A 3 -21.77 -30.10 -24.33
C VAL A 3 -20.35 -30.51 -24.74
N LYS A 4 -20.15 -30.79 -26.03
CA LYS A 4 -18.83 -31.15 -26.56
C LYS A 4 -17.87 -29.97 -26.54
N GLU A 5 -18.39 -28.78 -26.81
CA GLU A 5 -17.57 -27.56 -26.84
C GLU A 5 -17.03 -27.20 -25.46
N GLU A 6 -17.86 -27.35 -24.42
CA GLU A 6 -17.46 -27.07 -23.04
C GLU A 6 -16.32 -28.00 -22.58
N ILE A 7 -16.38 -29.26 -22.99
CA ILE A 7 -15.30 -30.23 -22.74
C ILE A 7 -14.01 -29.78 -23.42
N GLN A 8 -14.12 -29.33 -24.67
CA GLN A 8 -12.96 -28.82 -25.42
C GLN A 8 -12.41 -27.52 -24.83
N ALA A 9 -13.31 -26.64 -24.40
CA ALA A 9 -12.94 -25.36 -23.78
C ALA A 9 -12.10 -25.56 -22.52
N LYS A 10 -12.45 -26.57 -21.73
CA LYS A 10 -11.70 -26.90 -20.52
C LYS A 10 -10.24 -27.27 -20.84
N GLU A 11 -10.04 -28.04 -21.90
CA GLU A 11 -8.70 -28.42 -22.37
C GLU A 11 -7.93 -27.22 -22.91
N TYR A 12 -8.65 -26.36 -23.65
CA TYR A 12 -8.09 -25.12 -24.16
C TYR A 12 -7.56 -24.23 -23.02
N LEU A 13 -8.38 -24.08 -21.97
CA LEU A 13 -8.01 -23.23 -20.83
C LEU A 13 -6.81 -23.75 -20.06
N GLU A 14 -6.76 -25.06 -19.83
CA GLU A 14 -5.67 -25.67 -19.08
C GLU A 14 -4.33 -25.39 -19.76
N ASN A 15 -4.28 -25.56 -21.08
CA ASN A 15 -3.08 -25.30 -21.87
CA ASN A 15 -3.07 -25.31 -21.87
C ASN A 15 -2.73 -23.81 -21.95
N LEU A 16 -3.74 -22.98 -22.20
CA LEU A 16 -3.52 -21.54 -22.34
C LEU A 16 -3.01 -20.91 -21.04
N ASN A 17 -3.54 -21.35 -19.91
CA ASN A 17 -3.08 -20.87 -18.61
C ASN A 17 -1.59 -21.12 -18.41
N LYS A 18 -1.16 -22.35 -18.68
CA LYS A 18 0.26 -22.72 -18.59
C LYS A 18 1.12 -21.87 -19.53
N GLU A 19 0.63 -21.64 -20.75
CA GLU A 19 1.33 -20.80 -21.71
C GLU A 19 1.44 -19.35 -21.22
N LEU A 20 0.37 -18.82 -20.66
CA LEU A 20 0.37 -17.45 -20.12
C LEU A 20 1.33 -17.29 -18.94
N ALA A 21 1.35 -18.28 -18.04
CA ALA A 21 2.28 -18.26 -16.92
C ALA A 21 3.72 -18.18 -17.43
N LYS A 22 4.03 -18.99 -18.43
CA LYS A 22 5.37 -19.08 -18.98
C LYS A 22 5.79 -17.79 -19.69
N ARG A 23 4.88 -17.23 -20.49
CA ARG A 23 5.13 -15.94 -21.15
C ARG A 23 5.25 -14.79 -20.16
N THR A 24 4.46 -14.83 -19.09
CA THR A 24 4.50 -13.78 -18.06
C THR A 24 5.75 -13.88 -17.20
N ASN A 25 6.23 -15.11 -17.00
CA ASN A 25 7.52 -15.32 -16.34
C ASN A 25 8.62 -14.53 -17.04
N VAL A 26 8.65 -14.61 -18.37
CA VAL A 26 9.66 -13.92 -19.18
C VAL A 26 9.55 -12.39 -19.04
N GLU A 27 8.32 -11.88 -19.08
CA GLU A 27 8.09 -10.44 -18.90
C GLU A 27 8.51 -9.99 -17.51
N THR A 28 8.16 -10.78 -16.50
CA THR A 28 8.46 -10.47 -15.11
C THR A 28 9.98 -10.44 -14.85
N GLU A 29 10.71 -11.38 -15.43
CA GLU A 29 12.17 -11.40 -15.32
C GLU A 29 12.79 -10.13 -15.87
N ALA A 30 12.30 -9.69 -17.03
CA ALA A 30 12.75 -8.45 -17.64
C ALA A 30 12.43 -7.23 -16.77
N ALA A 31 11.24 -7.20 -16.18
CA ALA A 31 10.84 -6.12 -15.28
C ALA A 31 11.68 -6.10 -13.99
N TRP A 32 12.04 -7.30 -13.52
CA TRP A 32 12.88 -7.44 -12.34
C TRP A 32 14.30 -6.88 -12.60
N ALA A 33 14.87 -7.26 -13.74
CA ALA A 33 16.21 -6.81 -14.13
C ALA A 33 16.29 -5.29 -14.23
N TYR A 34 15.23 -4.67 -14.73
CA TYR A 34 15.18 -3.21 -14.84
C TYR A 34 15.03 -2.55 -13.48
N GLY A 35 14.17 -3.12 -12.63
CA GLY A 35 13.93 -2.57 -11.29
C GLY A 35 15.13 -2.66 -10.36
N SER A 36 15.98 -3.66 -10.59
CA SER A 36 17.18 -3.90 -9.80
C SER A 36 18.37 -3.14 -10.37
N ASN A 37 18.22 -2.64 -11.58
CA ASN A 37 19.34 -2.10 -12.36
C ASN A 37 18.81 -1.24 -13.50
N ILE A 38 18.50 0.01 -13.17
CA ILE A 38 17.92 0.92 -14.16
C ILE A 38 18.97 1.39 -15.16
N THR A 39 18.83 0.92 -16.40
CA THR A 39 19.66 1.34 -17.52
C THR A 39 18.77 1.43 -18.77
N ASP A 40 19.23 2.15 -19.78
CA ASP A 40 18.49 2.27 -21.05
C ASP A 40 18.33 0.93 -21.77
N GLU A 41 19.34 0.06 -21.61
CA GLU A 41 19.34 -1.27 -22.20
C GLU A 41 18.27 -2.17 -21.56
N ASN A 42 18.16 -2.10 -20.23
CA ASN A 42 17.16 -2.89 -19.50
C ASN A 42 15.74 -2.37 -19.70
N GLU A 43 15.60 -1.05 -19.83
CA GLU A 43 14.31 -0.43 -20.13
C GLU A 43 13.78 -0.96 -21.46
N LYS A 44 14.63 -0.82 -22.49
CA LYS A 44 14.34 -1.30 -23.84
C LYS A 44 13.93 -2.78 -23.83
N LYS A 45 14.69 -3.61 -23.11
CA LYS A 45 14.39 -5.04 -22.99
C LYS A 45 13.06 -5.31 -22.30
N LYS A 46 12.80 -4.63 -21.19
CA LYS A 46 11.55 -4.77 -20.45
C LYS A 46 10.35 -4.41 -21.31
N ASN A 47 10.44 -3.25 -21.98
CA ASN A 47 9.34 -2.73 -22.78
C ASN A 47 9.08 -3.52 -24.06
N GLU A 48 10.12 -4.15 -24.59
CA GLU A 48 9.95 -4.97 -25.79
C GLU A 48 9.29 -6.30 -25.48
N ILE A 49 9.62 -6.91 -24.35
CA ILE A 49 8.96 -8.14 -23.91
C ILE A 49 7.48 -7.87 -23.66
N SER A 50 7.18 -6.74 -23.01
CA SER A 50 5.81 -6.35 -22.68
C SER A 50 4.94 -6.18 -23.92
N ALA A 51 5.48 -5.50 -24.93
CA ALA A 51 4.80 -5.32 -26.21
C ALA A 51 4.50 -6.66 -26.88
N GLU A 52 5.42 -7.62 -26.72
CA GLU A 52 5.27 -8.97 -27.26
C GLU A 52 4.15 -9.72 -26.56
N LEU A 53 4.10 -9.62 -25.23
CA LEU A 53 3.03 -10.25 -24.45
C LEU A 53 1.68 -9.60 -24.72
N ALA A 54 1.65 -8.28 -24.85
CA ALA A 54 0.42 -7.55 -25.19
C ALA A 54 -0.17 -8.04 -26.51
N LYS A 55 0.69 -8.23 -27.51
CA LYS A 55 0.29 -8.74 -28.81
C LYS A 55 -0.36 -10.12 -28.70
N PHE A 56 0.21 -10.98 -27.86
CA PHE A 56 -0.33 -12.32 -27.65
C PHE A 56 -1.70 -12.27 -26.94
N MET A 57 -1.83 -11.38 -25.97
CA MET A 57 -3.09 -11.18 -25.24
C MET A 57 -4.24 -10.76 -26.16
N LYS A 58 -3.94 -9.90 -27.13
CA LYS A 58 -4.93 -9.49 -28.14
C LYS A 58 -5.48 -10.71 -28.90
N GLU A 59 -4.57 -11.59 -29.31
CA GLU A 59 -4.94 -12.83 -30.00
C GLU A 59 -5.80 -13.70 -29.07
N VAL A 60 -5.42 -13.75 -27.79
CA VAL A 60 -6.17 -14.52 -26.79
C VAL A 60 -7.58 -13.93 -26.59
N ALA A 61 -7.66 -12.63 -26.39
CA ALA A 61 -8.96 -11.96 -26.21
C ALA A 61 -9.83 -12.20 -27.43
N SER A 62 -9.23 -12.08 -28.61
CA SER A 62 -9.92 -12.35 -29.86
C SER A 62 -10.41 -13.81 -29.95
N ASP A 63 -9.59 -14.75 -29.49
CA ASP A 63 -9.93 -16.17 -29.53
C ASP A 63 -11.07 -16.58 -28.59
N THR A 64 -11.31 -15.79 -27.54
CA THR A 64 -12.42 -16.09 -26.61
C THR A 64 -13.79 -15.96 -27.26
N THR A 65 -13.88 -15.16 -28.33
CA THR A 65 -15.15 -14.96 -29.04
C THR A 65 -15.55 -16.18 -29.88
N LYS A 66 -14.59 -17.09 -30.07
CA LYS A 66 -14.84 -18.33 -30.81
C LYS A 66 -15.54 -19.37 -29.93
N PHE A 67 -15.48 -19.17 -28.62
CA PHE A 67 -16.14 -20.05 -27.65
C PHE A 67 -17.43 -19.40 -27.16
N GLN A 68 -18.49 -20.20 -27.07
CA GLN A 68 -19.76 -19.74 -26.51
C GLN A 68 -19.71 -19.76 -24.99
N TRP A 69 -18.71 -19.09 -24.41
CA TRP A 69 -18.44 -19.26 -22.98
C TRP A 69 -19.56 -18.81 -22.04
N ARG A 70 -20.29 -17.76 -22.42
CA ARG A 70 -21.42 -17.29 -21.61
C ARG A 70 -22.56 -18.32 -21.52
N SER A 71 -22.56 -19.29 -22.43
CA SER A 71 -23.57 -20.36 -22.44
C SER A 71 -23.19 -21.58 -21.60
N TYR A 72 -21.97 -21.62 -21.07
CA TYR A 72 -21.49 -22.82 -20.38
C TYR A 72 -22.16 -23.07 -19.03
N GLN A 73 -22.11 -24.33 -18.60
CA GLN A 73 -22.70 -24.74 -17.32
C GLN A 73 -21.78 -24.43 -16.14
N SER A 74 -20.49 -24.64 -16.32
CA SER A 74 -19.50 -24.46 -15.26
C SER A 74 -19.21 -22.99 -14.97
N GLU A 75 -19.50 -22.56 -13.74
CA GLU A 75 -19.18 -21.21 -13.29
C GLU A 75 -17.69 -20.96 -13.35
N ASP A 76 -16.91 -21.99 -13.01
CA ASP A 76 -15.46 -21.93 -13.01
C ASP A 76 -14.89 -21.65 -14.40
N LEU A 77 -15.39 -22.36 -15.41
CA LEU A 77 -14.92 -22.12 -16.79
C LEU A 77 -15.31 -20.72 -17.27
N LYS A 78 -16.54 -20.31 -16.98
CA LYS A 78 -17.00 -18.95 -17.34
C LYS A 78 -16.14 -17.88 -16.70
N ARG A 79 -15.81 -18.07 -15.43
CA ARG A 79 -14.99 -17.11 -14.69
C ARG A 79 -13.59 -16.96 -15.31
N GLN A 80 -13.02 -18.09 -15.73
CA GLN A 80 -11.71 -18.09 -16.39
C GLN A 80 -11.72 -17.37 -17.74
N PHE A 81 -12.73 -17.67 -18.57
CA PHE A 81 -12.88 -16.98 -19.85
C PHE A 81 -13.07 -15.49 -19.67
N LYS A 82 -13.87 -15.11 -18.66
CA LYS A 82 -14.08 -13.71 -18.36
C LYS A 82 -12.79 -13.01 -17.96
N ALA A 83 -11.95 -13.69 -17.18
CA ALA A 83 -10.63 -13.15 -16.85
C ALA A 83 -9.80 -12.87 -18.10
N LEU A 84 -9.94 -13.72 -19.12
CA LEU A 84 -9.18 -13.59 -20.37
C LEU A 84 -9.68 -12.51 -21.32
N THR A 85 -10.83 -11.93 -21.02
CA THR A 85 -11.35 -10.84 -21.84
C THR A 85 -10.79 -9.50 -21.37
N LYS A 86 -10.15 -9.52 -20.20
CA LYS A 86 -9.70 -8.27 -19.58
C LYS A 86 -8.29 -7.87 -20.00
N LEU A 87 -8.23 -7.21 -21.16
CA LEU A 87 -6.97 -6.82 -21.80
C LEU A 87 -6.21 -5.70 -21.08
N GLY A 88 -6.94 -4.76 -20.48
CA GLY A 88 -6.33 -3.58 -19.89
C GLY A 88 -5.60 -2.79 -20.96
N TYR A 89 -4.38 -2.38 -20.64
CA TYR A 89 -3.54 -1.62 -21.57
C TYR A 89 -3.26 -2.35 -22.89
N ALA A 90 -3.25 -3.68 -22.84
CA ALA A 90 -2.96 -4.50 -24.01
C ALA A 90 -4.01 -4.37 -25.13
N ALA A 91 -5.11 -3.68 -24.85
CA ALA A 91 -6.13 -3.40 -25.86
C ALA A 91 -5.68 -2.29 -26.82
N LEU A 92 -4.71 -1.49 -26.39
CA LEU A 92 -4.21 -0.37 -27.20
C LEU A 92 -3.52 -0.83 -28.48
N PRO A 93 -3.67 -0.04 -29.57
CA PRO A 93 -2.92 -0.32 -30.78
C PRO A 93 -1.42 -0.41 -30.47
N GLU A 94 -0.70 -1.23 -31.25
CA GLU A 94 0.72 -1.49 -31.05
C GLU A 94 1.53 -0.24 -30.69
N ASP A 95 1.42 0.79 -31.53
CA ASP A 95 2.16 2.04 -31.34
C ASP A 95 1.79 2.78 -30.05
N ASP A 96 0.50 2.79 -29.72
CA ASP A 96 0.02 3.44 -28.49
C ASP A 96 0.47 2.72 -27.23
N TYR A 97 0.49 1.39 -27.28
CA TYR A 97 1.00 0.60 -26.17
C TYR A 97 2.48 0.89 -25.92
N ALA A 98 3.27 0.94 -27.00
CA ALA A 98 4.71 1.25 -26.91
C ALA A 98 4.94 2.63 -26.31
N GLU A 99 4.12 3.59 -26.70
CA GLU A 99 4.23 4.94 -26.16
C GLU A 99 3.88 5.01 -24.67
N LEU A 100 2.86 4.25 -24.26
CA LEU A 100 2.47 4.20 -22.85
C LEU A 100 3.58 3.58 -21.99
N LEU A 101 4.17 2.50 -22.49
CA LEU A 101 5.29 1.86 -21.81
C LEU A 101 6.48 2.79 -21.64
N ASP A 102 6.80 3.54 -22.69
CA ASP A 102 7.87 4.54 -22.64
C ASP A 102 7.54 5.64 -21.63
N THR A 103 6.27 6.02 -21.57
CA THR A 103 5.80 7.03 -20.63
C THR A 103 5.92 6.54 -19.19
N LEU A 104 5.48 5.31 -18.94
CA LEU A 104 5.53 4.72 -17.60
C LEU A 104 6.95 4.55 -17.05
N SER A 105 7.86 4.06 -17.89
CA SER A 105 9.25 3.89 -17.46
C SER A 105 9.97 5.24 -17.30
N ALA A 106 9.59 6.24 -18.08
CA ALA A 106 10.13 7.59 -17.92
C ALA A 106 9.75 8.15 -16.55
N MET A 107 8.51 7.91 -16.11
CA MET A 107 8.06 8.39 -14.81
C MET A 107 8.66 7.63 -13.63
N GLU A 108 8.67 6.30 -13.69
CA GLU A 108 9.22 5.50 -12.60
C GLU A 108 10.73 5.70 -12.43
N SER A 109 11.45 5.82 -13.55
CA SER A 109 12.90 6.03 -13.50
C SER A 109 13.27 7.43 -13.02
N ASN A 110 12.48 8.43 -13.40
CA ASN A 110 12.66 9.79 -12.86
C ASN A 110 12.54 9.78 -11.34
N PHE A 111 11.49 9.14 -10.82
CA PHE A 111 11.31 9.01 -9.38
C PHE A 111 12.50 8.32 -8.71
N ALA A 112 12.95 7.21 -9.29
CA ALA A 112 14.01 6.40 -8.71
C ALA A 112 15.38 7.09 -8.75
N LYS A 113 15.54 8.06 -9.64
CA LYS A 113 16.83 8.74 -9.80
C LYS A 113 16.89 10.13 -9.16
N VAL A 114 15.84 10.50 -8.43
CA VAL A 114 15.81 11.80 -7.77
C VAL A 114 16.96 11.93 -6.76
N LYS A 115 17.73 13.01 -6.91
CA LYS A 115 18.81 13.33 -5.97
C LYS A 115 18.73 14.80 -5.62
N VAL A 116 18.87 15.11 -4.33
CA VAL A 116 18.86 16.51 -3.88
C VAL A 116 20.17 16.89 -3.19
N CYS A 117 20.39 18.19 -3.08
CA CYS A 117 21.57 18.72 -2.40
C CYS A 117 21.37 18.82 -0.90
N ASP A 118 22.46 18.63 -0.16
CA ASP A 118 22.45 18.77 1.28
C ASP A 118 22.06 20.19 1.66
N TYR A 119 21.16 20.31 2.63
CA TYR A 119 20.71 21.59 3.16
C TYR A 119 21.88 22.42 3.69
N LYS A 120 22.82 21.75 4.34
CA LYS A 120 23.98 22.40 4.95
C LYS A 120 25.22 22.45 4.04
N ASP A 121 25.18 21.76 2.91
CA ASP A 121 26.34 21.68 2.02
C ASP A 121 25.92 21.48 0.56
N SER A 122 25.86 22.58 -0.19
CA SER A 122 25.44 22.54 -1.59
C SER A 122 26.46 21.85 -2.51
N THR A 123 27.59 21.45 -1.94
CA THR A 123 28.59 20.63 -2.63
C THR A 123 28.09 19.19 -2.76
N LYS A 124 27.50 18.67 -1.69
CA LYS A 124 27.02 17.29 -1.65
C LYS A 124 25.60 17.20 -2.22
N CYS A 125 25.48 16.70 -3.45
CA CYS A 125 24.18 16.62 -4.13
C CYS A 125 23.80 15.21 -4.56
N ASP A 126 24.11 14.24 -3.71
CA ASP A 126 23.85 12.83 -3.99
C ASP A 126 22.91 12.20 -2.95
N LEU A 127 21.99 13.00 -2.43
CA LEU A 127 21.04 12.51 -1.43
C LEU A 127 19.76 11.99 -2.08
N ALA A 128 19.54 10.69 -1.93
CA ALA A 128 18.34 10.04 -2.47
C ALA A 128 17.24 10.03 -1.41
N LEU A 129 16.00 9.83 -1.85
CA LEU A 129 14.87 9.70 -0.92
C LEU A 129 15.14 8.59 0.09
N ASP A 130 15.52 7.41 -0.42
CA ASP A 130 15.83 6.24 0.39
C ASP A 130 17.36 6.02 0.34
N PRO A 131 18.05 6.24 1.48
CA PRO A 131 17.51 6.57 2.79
C PRO A 131 17.68 8.03 3.26
N GLU A 132 18.43 8.85 2.50
CA GLU A 132 18.91 10.14 3.01
C GLU A 132 17.82 11.16 3.35
N ILE A 133 16.94 11.43 2.39
CA ILE A 133 15.89 12.43 2.59
C ILE A 133 14.85 11.95 3.61
N GLU A 134 14.48 10.67 3.53
CA GLU A 134 13.52 10.10 4.47
C GLU A 134 14.05 10.11 5.90
N GLU A 135 15.37 9.96 6.05
CA GLU A 135 16.01 10.07 7.35
C GLU A 135 15.79 11.45 7.96
N VAL A 136 16.04 12.50 7.18
CA VAL A 136 15.87 13.87 7.66
C VAL A 136 14.40 14.16 7.95
N ILE A 137 13.51 13.82 7.02
CA ILE A 137 12.07 14.04 7.22
C ILE A 137 11.56 13.36 8.50
N SER A 138 12.07 12.17 8.79
CA SER A 138 11.62 11.41 9.96
C SER A 138 12.24 11.88 11.29
N LYS A 139 13.46 12.42 11.23
CA LYS A 139 14.22 12.73 12.44
C LYS A 139 14.32 14.21 12.79
N SER A 140 14.49 15.07 11.80
CA SER A 140 14.70 16.49 12.03
C SER A 140 13.46 17.18 12.62
N ARG A 141 13.68 18.06 13.58
CA ARG A 141 12.61 18.90 14.10
C ARG A 141 12.94 20.37 13.84
N ASP A 142 13.70 20.62 12.77
CA ASP A 142 14.01 21.96 12.30
C ASP A 142 13.08 22.25 11.12
N HIS A 143 12.06 23.07 11.36
CA HIS A 143 11.00 23.27 10.36
C HIS A 143 11.48 23.87 9.03
N GLU A 144 12.53 24.69 9.06
CA GLU A 144 13.08 25.25 7.82
C GLU A 144 13.90 24.23 7.02
N GLU A 145 14.56 23.33 7.74
CA GLU A 145 15.27 22.22 7.11
C GLU A 145 14.26 21.28 6.44
N LEU A 146 13.22 20.91 7.20
CA LEU A 146 12.15 20.06 6.68
C LEU A 146 11.50 20.65 5.43
N ALA A 147 11.24 21.96 5.46
CA ALA A 147 10.63 22.68 4.34
C ALA A 147 11.52 22.65 3.10
N TYR A 148 12.82 22.79 3.31
CA TYR A 148 13.80 22.75 2.21
C TYR A 148 13.75 21.40 1.49
N TYR A 149 13.83 20.31 2.26
CA TYR A 149 13.82 18.96 1.68
C TYR A 149 12.49 18.62 1.02
N TRP A 150 11.40 19.14 1.59
CA TRP A 150 10.07 18.97 1.01
C TRP A 150 10.04 19.58 -0.40
N ARG A 151 10.47 20.84 -0.50
CA ARG A 151 10.42 21.57 -1.77
C ARG A 151 11.32 20.94 -2.82
N GLU A 152 12.55 20.58 -2.42
CA GLU A 152 13.50 20.01 -3.36
C GLU A 152 12.97 18.70 -3.92
N PHE A 153 12.45 17.84 -3.04
CA PHE A 153 11.92 16.55 -3.49
C PHE A 153 10.70 16.67 -4.40
N TYR A 154 9.73 17.49 -4.01
CA TYR A 154 8.49 17.62 -4.77
C TYR A 154 8.71 18.25 -6.15
N ASP A 155 9.64 19.21 -6.22
CA ASP A 155 10.01 19.82 -7.50
C ASP A 155 10.63 18.82 -8.48
N LYS A 156 11.39 17.85 -7.96
CA LYS A 156 12.12 16.88 -8.80
C LYS A 156 11.31 15.63 -9.12
N ALA A 157 10.58 15.11 -8.14
CA ALA A 157 9.81 13.89 -8.31
C ALA A 157 8.43 14.17 -8.89
N GLY A 158 7.88 15.35 -8.60
CA GLY A 158 6.55 15.70 -9.07
C GLY A 158 6.55 16.52 -10.35
N THR A 159 6.90 17.79 -10.23
CA THR A 159 6.80 18.77 -11.31
C THR A 159 7.51 18.34 -12.60
N ALA A 160 8.66 17.68 -12.45
CA ALA A 160 9.49 17.29 -13.59
C ALA A 160 8.83 16.33 -14.59
N VAL A 161 7.77 15.63 -14.15
CA VAL A 161 7.10 14.67 -15.03
C VAL A 161 5.64 15.02 -15.36
N ARG A 162 5.30 16.31 -15.30
CA ARG A 162 3.94 16.76 -15.61
C ARG A 162 3.50 16.34 -17.01
N SER A 163 4.30 16.68 -18.01
CA SER A 163 3.96 16.38 -19.42
C SER A 163 3.82 14.88 -19.67
N GLN A 164 4.69 14.08 -19.05
CA GLN A 164 4.62 12.63 -19.16
C GLN A 164 3.35 12.09 -18.50
N PHE A 165 3.01 12.65 -17.34
CA PHE A 165 1.80 12.26 -16.63
C PHE A 165 0.53 12.56 -17.43
N GLU A 166 0.50 13.72 -18.09
CA GLU A 166 -0.62 14.11 -18.94
C GLU A 166 -0.85 13.10 -20.06
N ARG A 167 0.23 12.67 -20.71
CA ARG A 167 0.15 11.69 -21.79
C ARG A 167 -0.33 10.31 -21.28
N TYR A 168 0.12 9.94 -20.08
CA TYR A 168 -0.33 8.73 -19.41
C TYR A 168 -1.84 8.73 -19.12
N VAL A 169 -2.36 9.86 -18.64
CA VAL A 169 -3.81 9.99 -18.41
C VAL A 169 -4.58 9.79 -19.72
N GLU A 170 -4.12 10.42 -20.79
CA GLU A 170 -4.72 10.26 -22.12
C GLU A 170 -4.76 8.80 -22.59
N LEU A 171 -3.63 8.11 -22.47
CA LEU A 171 -3.52 6.72 -22.93
C LEU A 171 -4.22 5.73 -22.03
N ASN A 172 -4.23 6.01 -20.72
CA ASN A 172 -4.99 5.20 -19.77
C ASN A 172 -6.49 5.28 -20.07
N THR A 173 -6.96 6.48 -20.42
CA THR A 173 -8.35 6.71 -20.78
C THR A 173 -8.71 5.98 -22.08
N LYS A 174 -7.82 6.06 -23.07
CA LYS A 174 -7.99 5.37 -24.35
C LYS A 174 -8.10 3.86 -24.16
N ALA A 175 -7.23 3.31 -23.30
CA ALA A 175 -7.23 1.88 -23.01
C ALA A 175 -8.52 1.44 -22.35
N ALA A 176 -8.98 2.22 -21.36
CA ALA A 176 -10.22 1.93 -20.65
C ALA A 176 -11.40 1.86 -21.62
N LYS A 177 -11.51 2.85 -22.51
CA LYS A 177 -12.62 2.93 -23.44
C LYS A 177 -12.58 1.80 -24.46
N LEU A 178 -11.38 1.40 -24.88
CA LEU A 178 -11.23 0.22 -25.75
C LEU A 178 -11.71 -1.06 -25.08
N ASN A 179 -11.69 -1.08 -23.75
CA ASN A 179 -12.26 -2.18 -22.97
C ASN A 179 -13.73 -1.91 -22.57
N ASN A 180 -14.27 -0.81 -23.09
CA ASN A 180 -15.65 -0.37 -22.83
C ASN A 180 -15.99 0.01 -21.40
N PHE A 181 -14.98 0.38 -20.63
CA PHE A 181 -15.20 1.07 -19.35
C PHE A 181 -15.27 2.56 -19.69
N THR A 182 -15.94 3.34 -18.84
CA THR A 182 -16.07 4.78 -19.05
C THR A 182 -14.70 5.48 -18.95
N SER A 183 -13.88 5.03 -18.01
CA SER A 183 -12.56 5.60 -17.77
C SER A 183 -11.74 4.59 -16.99
N GLY A 184 -10.50 4.97 -16.68
CA GLY A 184 -9.59 4.13 -15.91
C GLY A 184 -9.99 3.95 -14.46
N ALA A 185 -10.86 4.85 -13.97
CA ALA A 185 -11.45 4.70 -12.65
C ALA A 185 -12.30 3.44 -12.60
N GLU A 186 -13.19 3.29 -13.58
CA GLU A 186 -14.06 2.10 -13.68
C GLU A 186 -13.27 0.83 -13.98
N ALA A 187 -12.21 0.95 -14.76
CA ALA A 187 -11.32 -0.20 -15.02
C ALA A 187 -10.68 -0.69 -13.72
N TRP A 188 -10.17 0.24 -12.91
CA TRP A 188 -9.62 -0.10 -11.60
C TRP A 188 -10.65 -0.73 -10.66
N LEU A 189 -11.87 -0.17 -10.66
CA LEU A 189 -12.93 -0.61 -9.77
C LEU A 189 -13.49 -1.99 -10.11
N ASP A 190 -13.36 -2.36 -11.38
CA ASP A 190 -13.79 -3.67 -11.87
C ASP A 190 -13.14 -4.82 -11.08
N GLU A 191 -11.92 -4.59 -10.59
CA GLU A 191 -11.19 -5.57 -9.80
C GLU A 191 -11.90 -5.98 -8.50
N TYR A 192 -12.85 -5.17 -8.05
CA TYR A 192 -13.55 -5.44 -6.79
C TYR A 192 -14.90 -6.12 -6.98
N GLU A 193 -15.31 -6.31 -8.23
CA GLU A 193 -16.50 -7.08 -8.62
C GLU A 193 -17.75 -6.72 -7.81
N ASP A 194 -18.04 -5.42 -7.74
CA ASP A 194 -19.12 -4.92 -6.89
C ASP A 194 -19.49 -3.52 -7.35
N ASP A 195 -20.67 -3.39 -7.96
CA ASP A 195 -21.11 -2.09 -8.49
C ASP A 195 -21.42 -1.01 -7.43
N THR A 196 -21.49 -1.40 -6.15
CA THR A 196 -21.70 -0.43 -5.07
C THR A 196 -20.46 -0.22 -4.21
N PHE A 197 -19.29 -0.60 -4.73
CA PHE A 197 -18.05 -0.57 -3.95
C PHE A 197 -17.63 0.83 -3.48
N GLU A 198 -17.77 1.83 -4.37
CA GLU A 198 -17.47 3.22 -4.02
C GLU A 198 -18.31 3.70 -2.85
N GLN A 199 -19.63 3.47 -2.93
CA GLN A 199 -20.55 3.89 -1.89
C GLN A 199 -20.24 3.21 -0.56
N GLN A 200 -19.92 1.92 -0.62
CA GLN A 200 -19.57 1.15 0.57
C GLN A 200 -18.41 1.77 1.32
N LEU A 201 -17.39 2.21 0.57
CA LEU A 201 -16.22 2.86 1.14
C LEU A 201 -16.53 4.25 1.69
N GLU A 202 -17.33 5.02 0.96
CA GLU A 202 -17.80 6.33 1.46
C GLU A 202 -18.46 6.15 2.82
N ASP A 203 -19.34 5.15 2.92
CA ASP A 203 -20.07 4.88 4.16
C ASP A 203 -19.14 4.49 5.31
N ILE A 204 -18.20 3.59 5.05
CA ILE A 204 -17.23 3.18 6.07
C ILE A 204 -16.34 4.36 6.45
N PHE A 205 -15.87 5.10 5.46
CA PHE A 205 -15.01 6.25 5.73
C PHE A 205 -15.72 7.30 6.60
N ALA A 206 -17.00 7.54 6.32
CA ALA A 206 -17.79 8.49 7.10
C ALA A 206 -17.92 8.12 8.59
N ASP A 207 -17.95 6.81 8.88
CA ASP A 207 -18.01 6.31 10.26
C ASP A 207 -16.70 6.52 11.02
N ILE A 208 -15.56 6.40 10.33
CA ILE A 208 -14.24 6.54 10.96
C ILE A 208 -13.75 8.00 10.97
N ARG A 209 -14.29 8.80 10.07
CA ARG A 209 -13.84 10.18 9.90
C ARG A 209 -13.80 11.01 11.20
N PRO A 210 -14.86 10.95 12.04
CA PRO A 210 -14.85 11.75 13.27
C PRO A 210 -13.70 11.41 14.21
N LEU A 211 -13.31 10.14 14.24
CA LEU A 211 -12.14 9.73 15.01
C LEU A 211 -10.86 10.36 14.45
N TYR A 212 -10.77 10.44 13.12
CA TYR A 212 -9.63 11.08 12.48
C TYR A 212 -9.55 12.56 12.87
N GLN A 213 -10.70 13.24 12.88
CA GLN A 213 -10.76 14.67 13.23
C GLN A 213 -10.23 14.91 14.64
N GLN A 214 -10.53 13.99 15.56
CA GLN A 214 -10.07 14.08 16.94
C GLN A 214 -8.56 13.92 17.05
N ILE A 215 -8.02 12.95 16.30
CA ILE A 215 -6.59 12.70 16.25
C ILE A 215 -5.86 13.89 15.65
N HIS A 216 -6.37 14.37 14.52
CA HIS A 216 -5.86 15.56 13.85
C HIS A 216 -5.81 16.74 14.82
N GLY A 217 -6.92 16.97 15.52
CA GLY A 217 -7.06 18.08 16.45
C GLY A 217 -6.02 18.02 17.56
N TYR A 218 -5.88 16.84 18.15
CA TYR A 218 -4.92 16.65 19.22
C TYR A 218 -3.47 16.82 18.76
N VAL A 219 -3.14 16.27 17.58
CA VAL A 219 -1.79 16.35 17.04
C VAL A 219 -1.39 17.80 16.74
N ARG A 220 -2.32 18.55 16.14
CA ARG A 220 -2.15 19.99 15.89
C ARG A 220 -1.91 20.75 17.19
N PHE A 221 -2.69 20.43 18.21
CA PHE A 221 -2.53 21.02 19.54
C PHE A 221 -1.12 20.77 20.08
N ARG A 222 -0.65 19.53 19.97
CA ARG A 222 0.66 19.17 20.49
C ARG A 222 1.82 19.78 19.68
N LEU A 223 1.64 19.89 18.36
CA LEU A 223 2.65 20.52 17.49
C LEU A 223 2.80 22.02 17.75
N ARG A 224 1.70 22.68 18.11
CA ARG A 224 1.73 24.10 18.51
C ARG A 224 2.63 24.32 19.72
N LYS A 225 2.56 23.40 20.69
CA LYS A 225 3.37 23.49 21.89
C LYS A 225 4.84 23.23 21.61
N HIS A 226 5.11 22.46 20.56
CA HIS A 226 6.48 22.14 20.17
C HIS A 226 7.12 23.22 19.28
N TYR A 227 6.41 23.61 18.21
CA TYR A 227 6.95 24.55 17.23
C TYR A 227 6.53 26.00 17.47
N GLY A 228 5.44 26.20 18.22
CA GLY A 228 4.90 27.55 18.43
C GLY A 228 3.88 27.94 17.39
N ASP A 229 3.11 28.98 17.71
CA ASP A 229 2.00 29.40 16.86
C ASP A 229 2.39 30.12 15.57
N ALA A 230 3.65 30.55 15.46
CA ALA A 230 4.16 31.10 14.21
C ALA A 230 4.27 30.02 13.12
N VAL A 231 4.56 28.78 13.54
CA VAL A 231 4.74 27.66 12.61
C VAL A 231 3.43 26.89 12.38
N VAL A 232 2.65 26.71 13.46
CA VAL A 232 1.43 25.92 13.41
C VAL A 232 0.27 26.74 13.96
N SER A 233 -0.75 26.98 13.12
CA SER A 233 -1.94 27.70 13.56
C SER A 233 -2.95 26.77 14.23
N GLU A 234 -3.80 27.34 15.09
CA GLU A 234 -4.81 26.57 15.81
C GLU A 234 -5.94 26.08 14.90
N THR A 235 -6.27 26.90 13.90
CA THR A 235 -7.51 26.73 13.16
C THR A 235 -7.28 26.30 11.72
N GLY A 236 -6.04 26.33 11.27
CA GLY A 236 -5.70 25.97 9.89
C GLY A 236 -5.25 24.53 9.72
N PRO A 237 -5.08 24.09 8.45
CA PRO A 237 -4.53 22.77 8.16
C PRO A 237 -3.11 22.65 8.71
N ILE A 238 -2.72 21.42 9.06
CA ILE A 238 -1.37 21.17 9.55
C ILE A 238 -0.36 21.26 8.39
N PRO A 239 0.70 22.07 8.57
CA PRO A 239 1.84 22.10 7.64
C PRO A 239 2.47 20.71 7.57
N MET A 240 2.38 20.09 6.39
CA MET A 240 2.60 18.66 6.27
C MET A 240 4.03 18.17 6.51
N HIS A 241 4.99 19.08 6.38
CA HIS A 241 6.41 18.75 6.53
C HIS A 241 6.79 18.47 7.99
N LEU A 242 5.85 18.70 8.90
CA LEU A 242 6.09 18.50 10.33
C LEU A 242 5.58 17.16 10.84
N LEU A 243 5.04 16.34 9.95
CA LEU A 243 4.38 15.10 10.38
C LEU A 243 5.25 13.84 10.25
N GLY A 244 6.53 14.02 9.93
CA GLY A 244 7.51 12.94 9.98
C GLY A 244 7.50 12.01 8.77
N ASN A 245 6.83 12.45 7.71
CA ASN A 245 6.67 11.66 6.50
C ASN A 245 6.52 12.59 5.32
N MET A 246 7.17 12.24 4.21
CA MET A 246 7.21 13.08 3.01
C MET A 246 5.82 13.38 2.41
N TRP A 247 4.87 12.46 2.63
CA TRP A 247 3.52 12.57 2.08
C TRP A 247 2.45 12.69 3.17
N ALA A 248 2.89 12.74 4.42
CA ALA A 248 2.03 12.83 5.60
C ALA A 248 1.01 11.68 5.68
N GLN A 249 1.37 10.51 5.15
CA GLN A 249 0.47 9.36 5.12
C GLN A 249 0.45 8.60 6.45
N GLN A 250 1.54 8.75 7.21
CA GLN A 250 1.70 8.12 8.51
C GLN A 250 2.44 9.09 9.42
N TRP A 251 1.99 9.23 10.66
CA TRP A 251 2.59 10.22 11.56
C TRP A 251 3.39 9.62 12.71
N SER A 252 3.61 8.31 12.67
CA SER A 252 4.23 7.64 13.83
C SER A 252 5.63 8.13 14.17
N GLU A 253 6.31 8.78 13.23
CA GLU A 253 7.66 9.32 13.48
C GLU A 253 7.69 10.53 14.43
N ILE A 254 6.53 11.17 14.64
CA ILE A 254 6.45 12.27 15.60
C ILE A 254 5.77 11.85 16.90
N ALA A 255 5.61 10.55 17.11
CA ALA A 255 4.97 10.04 18.32
C ALA A 255 5.63 10.55 19.60
N ASP A 256 6.95 10.72 19.59
CA ASP A 256 7.67 11.14 20.78
C ASP A 256 7.32 12.56 21.25
N ILE A 257 6.77 13.37 20.35
CA ILE A 257 6.36 14.74 20.72
C ILE A 257 4.85 14.95 20.83
N VAL A 258 4.05 13.98 20.38
CA VAL A 258 2.59 14.09 20.43
C VAL A 258 1.90 13.03 21.30
N SER A 259 2.69 12.17 21.94
CA SER A 259 2.13 11.05 22.72
C SER A 259 1.34 11.52 23.94
N PRO A 260 0.17 10.91 24.17
CA PRO A 260 -0.74 11.28 25.26
C PRO A 260 -0.07 11.35 26.63
N PHE A 261 0.83 10.43 26.92
CA PHE A 261 1.51 10.39 28.21
C PHE A 261 3.03 10.29 28.06
N PRO A 262 3.72 11.44 27.95
CA PRO A 262 5.16 11.48 27.69
C PRO A 262 6.05 10.89 28.78
N GLU A 263 5.52 10.73 30.00
CA GLU A 263 6.27 10.13 31.10
C GLU A 263 6.10 8.60 31.17
N LYS A 264 5.16 8.09 30.38
CA LYS A 264 4.92 6.65 30.29
C LYS A 264 5.53 6.10 29.00
N PRO A 265 5.83 4.78 28.97
CA PRO A 265 6.60 4.22 27.85
C PRO A 265 5.93 4.32 26.49
N LEU A 266 6.74 4.61 25.48
CA LEU A 266 6.31 4.59 24.10
C LEU A 266 7.19 3.60 23.37
N VAL A 267 6.57 2.61 22.73
CA VAL A 267 7.30 1.54 22.06
C VAL A 267 8.01 2.07 20.82
N ASP A 268 9.34 1.95 20.85
CA ASP A 268 10.21 2.31 19.73
C ASP A 268 11.45 1.42 19.84
N VAL A 269 11.43 0.30 19.11
CA VAL A 269 12.41 -0.77 19.31
C VAL A 269 13.63 -0.70 18.39
N SER A 270 13.74 0.38 17.61
CA SER A 270 14.85 0.53 16.67
C SER A 270 16.22 0.46 17.34
N ALA A 271 16.37 1.16 18.47
CA ALA A 271 17.64 1.20 19.20
C ALA A 271 18.07 -0.18 19.71
N GLU A 272 17.12 -0.96 20.22
CA GLU A 272 17.37 -2.32 20.70
C GLU A 272 17.73 -3.27 19.56
N MET A 273 17.06 -3.10 18.42
CA MET A 273 17.36 -3.88 17.22
C MET A 273 18.84 -3.69 16.88
N GLU A 274 19.29 -2.44 16.83
CA GLU A 274 20.68 -2.10 16.54
C GLU A 274 21.63 -2.63 17.61
N LYS A 275 21.26 -2.45 18.88
CA LYS A 275 22.05 -2.94 20.00
C LYS A 275 22.26 -4.45 19.93
N GLN A 276 21.22 -5.19 19.54
CA GLN A 276 21.28 -6.65 19.49
C GLN A 276 21.88 -7.20 18.17
N GLY A 277 22.39 -6.29 17.34
CA GLY A 277 23.08 -6.67 16.11
C GLY A 277 22.21 -7.21 14.99
N TYR A 278 20.95 -6.79 14.97
CA TYR A 278 20.03 -7.15 13.88
C TYR A 278 20.57 -6.74 12.52
N THR A 279 20.29 -7.58 11.52
CA THR A 279 20.61 -7.29 10.13
C THR A 279 19.35 -7.49 9.30
N PRO A 280 19.34 -7.01 8.05
CA PRO A 280 18.23 -7.32 7.15
C PRO A 280 17.92 -8.82 7.05
N LEU A 281 18.96 -9.66 6.95
CA LEU A 281 18.76 -11.11 6.87
C LEU A 281 17.98 -11.67 8.07
N LYS A 282 18.40 -11.29 9.27
CA LYS A 282 17.72 -11.68 10.51
C LYS A 282 16.25 -11.24 10.54
N MET A 283 15.98 -10.01 10.10
CA MET A 283 14.62 -9.49 10.01
C MET A 283 13.72 -10.36 9.12
N PHE A 284 14.24 -10.76 7.96
CA PHE A 284 13.50 -11.65 7.06
C PHE A 284 13.34 -13.07 7.62
N GLN A 285 14.36 -13.57 8.31
CA GLN A 285 14.27 -14.90 8.94
C GLN A 285 13.22 -14.91 10.05
N MET A 286 13.14 -13.81 10.80
CA MET A 286 12.11 -13.65 11.83
C MET A 286 10.71 -13.61 11.24
N GLY A 287 10.56 -12.93 10.10
CA GLY A 287 9.29 -12.89 9.39
C GLY A 287 8.88 -14.28 8.94
N ASP A 288 9.84 -15.01 8.36
CA ASP A 288 9.65 -16.40 7.92
C ASP A 288 9.24 -17.27 9.10
N ASP A 289 9.91 -17.10 10.24
CA ASP A 289 9.57 -17.79 11.48
C ASP A 289 8.13 -17.56 11.91
N PHE A 290 7.66 -16.32 11.80
CA PHE A 290 6.28 -15.99 12.18
C PHE A 290 5.28 -16.79 11.35
N PHE A 291 5.47 -16.78 10.03
CA PHE A 291 4.59 -17.52 9.12
C PHE A 291 4.61 -19.03 9.39
N THR A 292 5.81 -19.59 9.54
CA THR A 292 5.94 -21.03 9.79
C THR A 292 5.36 -21.43 11.15
N SER A 293 5.47 -20.54 12.14
CA SER A 293 4.91 -20.79 13.47
C SER A 293 3.39 -20.94 13.43
N MET A 294 2.78 -20.38 12.40
CA MET A 294 1.33 -20.44 12.23
C MET A 294 0.94 -21.63 11.34
N ASN A 295 1.92 -22.48 11.02
CA ASN A 295 1.74 -23.64 10.16
C ASN A 295 1.45 -23.24 8.71
N LEU A 296 2.03 -22.11 8.31
CA LEU A 296 1.98 -21.67 6.92
C LEU A 296 3.30 -21.99 6.25
N THR A 297 3.45 -21.56 5.01
CA THR A 297 4.54 -22.04 4.15
C THR A 297 5.85 -21.31 4.37
N LYS A 298 6.90 -22.11 4.58
CA LYS A 298 8.29 -21.67 4.67
C LYS A 298 8.74 -21.05 3.36
N LEU A 299 9.62 -20.06 3.46
CA LEU A 299 10.20 -19.46 2.26
C LEU A 299 11.07 -20.48 1.53
N PRO A 300 10.88 -20.61 0.20
CA PRO A 300 11.69 -21.52 -0.59
C PRO A 300 13.12 -21.03 -0.78
N GLN A 301 14.01 -21.92 -1.19
CA GLN A 301 15.43 -21.60 -1.39
C GLN A 301 15.65 -20.52 -2.44
N ASP A 302 14.81 -20.50 -3.47
CA ASP A 302 14.87 -19.48 -4.52
C ASP A 302 14.73 -18.05 -3.97
N PHE A 303 13.88 -17.89 -2.95
CA PHE A 303 13.69 -16.60 -2.32
C PHE A 303 14.98 -16.09 -1.72
N TRP A 304 15.69 -16.95 -0.98
CA TRP A 304 16.92 -16.56 -0.31
C TRP A 304 18.07 -16.33 -1.30
N ASP A 305 18.08 -17.10 -2.38
CA ASP A 305 19.11 -16.98 -3.41
C ASP A 305 18.99 -15.74 -4.29
N LYS A 306 17.75 -15.31 -4.56
CA LYS A 306 17.50 -14.32 -5.61
C LYS A 306 16.98 -12.98 -5.12
N SER A 307 16.50 -12.91 -3.89
CA SER A 307 15.99 -11.65 -3.35
C SER A 307 17.10 -10.63 -3.17
N ILE A 308 16.73 -9.35 -3.18
CA ILE A 308 17.64 -8.27 -2.87
C ILE A 308 17.10 -7.58 -1.61
N ILE A 309 17.76 -7.80 -0.48
CA ILE A 309 17.25 -7.34 0.81
C ILE A 309 18.08 -6.22 1.44
N GLU A 310 19.09 -5.75 0.70
CA GLU A 310 19.90 -4.60 1.12
C GLU A 310 20.17 -3.74 -0.10
N LYS A 311 20.26 -2.42 0.10
CA LYS A 311 20.60 -1.50 -1.00
C LYS A 311 22.02 -1.80 -1.50
N PRO A 312 22.17 -2.02 -2.83
CA PRO A 312 23.48 -2.28 -3.45
C PRO A 312 24.47 -1.13 -3.22
N THR A 313 25.75 -1.49 -3.08
CA THR A 313 26.80 -0.50 -2.76
C THR A 313 27.64 -0.05 -3.95
N ASP A 314 27.27 -0.49 -5.17
CA ASP A 314 27.87 0.09 -6.38
C ASP A 314 27.09 1.36 -6.75
N GLY A 315 27.53 2.05 -7.79
CA GLY A 315 26.92 3.35 -8.14
C GLY A 315 25.60 3.28 -8.89
N ARG A 316 24.99 2.10 -8.95
CA ARG A 316 23.85 1.87 -9.85
C ARG A 316 22.53 2.45 -9.39
N ASP A 317 21.68 2.77 -10.36
CA ASP A 317 20.33 3.23 -10.10
C ASP A 317 19.39 2.03 -10.03
N LEU A 318 18.42 2.11 -9.12
CA LEU A 318 17.42 1.07 -8.95
C LEU A 318 16.18 1.66 -8.29
N VAL A 319 15.09 0.91 -8.30
CA VAL A 319 13.89 1.28 -7.56
C VAL A 319 14.02 0.70 -6.16
N CYS A 320 14.27 1.56 -5.18
CA CYS A 320 14.40 1.11 -3.79
C CYS A 320 13.06 0.91 -3.10
N HIS A 321 12.00 1.49 -3.64
CA HIS A 321 10.67 1.27 -3.08
C HIS A 321 10.38 -0.22 -2.99
N ALA A 322 10.14 -0.70 -1.77
CA ALA A 322 10.00 -2.13 -1.47
C ALA A 322 8.90 -2.82 -2.26
N SER A 323 9.16 -4.03 -2.71
CA SER A 323 8.19 -4.80 -3.49
C SER A 323 8.42 -6.31 -3.42
N ALA A 324 7.35 -7.06 -3.67
CA ALA A 324 7.38 -8.52 -3.70
C ALA A 324 6.97 -9.01 -5.08
N TRP A 325 7.62 -10.06 -5.56
CA TRP A 325 7.49 -10.49 -6.94
C TRP A 325 7.15 -11.98 -7.08
N ASP A 326 6.18 -12.27 -7.95
CA ASP A 326 5.79 -13.63 -8.29
C ASP A 326 6.27 -13.89 -9.72
N PHE A 327 6.96 -15.02 -9.92
CA PHE A 327 7.48 -15.34 -11.26
C PHE A 327 6.70 -16.43 -12.00
N TYR A 328 5.61 -16.87 -11.37
CA TYR A 328 4.61 -17.75 -12.00
C TYR A 328 5.13 -19.13 -12.43
N LEU A 329 6.18 -19.59 -11.77
CA LEU A 329 6.63 -20.96 -11.93
C LEU A 329 6.28 -21.69 -10.64
N THR A 330 7.25 -22.40 -10.06
CA THR A 330 7.05 -23.02 -8.75
C THR A 330 8.15 -22.54 -7.81
N ASP A 331 7.75 -21.91 -6.71
CA ASP A 331 8.68 -21.49 -5.64
C ASP A 331 9.65 -20.40 -6.05
N ASP A 332 9.42 -19.77 -7.19
CA ASP A 332 10.26 -18.63 -7.58
C ASP A 332 9.55 -17.32 -7.21
N VAL A 333 9.81 -16.87 -5.99
CA VAL A 333 9.25 -15.66 -5.42
C VAL A 333 10.41 -14.85 -4.84
N ARG A 334 10.33 -13.52 -4.95
CA ARG A 334 11.43 -12.63 -4.56
C ARG A 334 10.94 -11.35 -3.93
N ILE A 335 11.75 -10.80 -3.03
CA ILE A 335 11.56 -9.46 -2.51
C ILE A 335 12.74 -8.58 -2.93
N LYS A 336 12.43 -7.33 -3.26
CA LYS A 336 13.46 -6.32 -3.44
C LYS A 336 13.17 -5.19 -2.45
N GLN A 337 14.00 -5.09 -1.42
CA GLN A 337 13.83 -4.07 -0.39
C GLN A 337 15.19 -3.52 0.03
N CYS A 338 15.29 -2.20 0.11
CA CYS A 338 16.50 -1.55 0.60
C CYS A 338 16.41 -1.45 2.13
N THR A 339 16.49 -2.61 2.78
CA THR A 339 16.16 -2.78 4.20
C THR A 339 17.08 -1.99 5.14
N ARG A 340 16.47 -1.28 6.08
CA ARG A 340 17.19 -0.62 7.17
C ARG A 340 16.77 -1.26 8.49
N VAL A 341 17.63 -1.15 9.50
CA VAL A 341 17.34 -1.75 10.80
C VAL A 341 16.55 -0.79 11.70
N THR A 342 15.23 -0.76 11.51
CA THR A 342 14.33 0.08 12.29
C THR A 342 13.03 -0.66 12.56
N GLN A 343 12.26 -0.15 13.53
CA GLN A 343 10.95 -0.72 13.86
C GLN A 343 10.00 -0.70 12.66
N ASP A 344 9.88 0.45 11.98
CA ASP A 344 8.97 0.55 10.85
C ASP A 344 9.36 -0.40 9.71
N GLN A 345 10.66 -0.57 9.48
CA GLN A 345 11.15 -1.50 8.46
C GLN A 345 10.83 -2.96 8.77
N LEU A 346 10.77 -3.29 10.06
CA LEU A 346 10.40 -4.64 10.47
C LEU A 346 8.95 -4.94 10.07
N PHE A 347 8.09 -3.92 10.19
CA PHE A 347 6.70 -4.03 9.74
C PHE A 347 6.60 -4.19 8.24
N THR A 348 7.41 -3.42 7.51
CA THR A 348 7.45 -3.49 6.05
C THR A 348 7.94 -4.85 5.55
N VAL A 349 8.91 -5.43 6.25
CA VAL A 349 9.38 -6.78 5.94
C VAL A 349 8.21 -7.77 6.02
N HIS A 350 7.43 -7.70 7.10
CA HIS A 350 6.25 -8.54 7.25
C HIS A 350 5.15 -8.25 6.21
N HIS A 351 5.03 -6.98 5.81
CA HIS A 351 4.06 -6.63 4.77
C HIS A 351 4.39 -7.36 3.46
N GLU A 352 5.64 -7.25 3.05
CA GLU A 352 6.12 -7.86 1.81
C GLU A 352 6.07 -9.38 1.85
N LEU A 353 6.34 -9.95 3.02
CA LEU A 353 6.32 -11.40 3.19
C LEU A 353 4.89 -11.93 3.15
N GLY A 354 3.93 -11.06 3.48
CA GLY A 354 2.51 -11.38 3.32
C GLY A 354 2.15 -11.61 1.86
N HIS A 355 2.71 -10.79 0.97
CA HIS A 355 2.56 -10.97 -0.48
C HIS A 355 3.15 -12.31 -0.91
N ILE A 356 4.39 -12.57 -0.50
CA ILE A 356 5.09 -13.82 -0.80
C ILE A 356 4.25 -15.04 -0.38
N GLN A 357 3.73 -15.01 0.85
CA GLN A 357 2.90 -16.11 1.34
C GLN A 357 1.70 -16.34 0.43
N TYR A 358 1.02 -15.26 0.04
CA TYR A 358 -0.11 -15.34 -0.86
C TYR A 358 0.31 -16.01 -2.18
N PHE A 359 1.42 -15.58 -2.76
CA PHE A 359 1.97 -16.18 -3.99
C PHE A 359 2.12 -17.68 -3.84
N LEU A 360 2.68 -18.12 -2.71
CA LEU A 360 2.96 -19.54 -2.46
C LEU A 360 1.68 -20.33 -2.21
N GLN A 361 0.70 -19.69 -1.57
CA GLN A 361 -0.57 -20.35 -1.25
C GLN A 361 -1.42 -20.64 -2.49
N TYR A 362 -1.33 -19.81 -3.52
CA TYR A 362 -2.15 -20.01 -4.71
C TYR A 362 -1.42 -20.45 -5.99
N GLN A 363 -0.15 -20.82 -5.87
CA GLN A 363 0.63 -21.21 -7.05
C GLN A 363 0.14 -22.48 -7.76
N HIS A 364 -0.66 -23.29 -7.06
CA HIS A 364 -1.25 -24.48 -7.67
C HIS A 364 -2.45 -24.13 -8.55
N GLN A 365 -2.99 -22.92 -8.38
CA GLN A 365 -4.15 -22.47 -9.16
C GLN A 365 -3.80 -22.22 -10.62
N PRO A 366 -4.79 -22.31 -11.54
CA PRO A 366 -4.54 -21.90 -12.92
C PRO A 366 -4.11 -20.42 -12.98
N PHE A 367 -3.30 -20.09 -13.97
CA PHE A 367 -2.68 -18.77 -14.07
C PHE A 367 -3.63 -17.61 -13.75
N VAL A 368 -4.79 -17.59 -14.37
CA VAL A 368 -5.74 -16.47 -14.21
C VAL A 368 -6.23 -16.29 -12.78
N TYR A 369 -6.11 -17.34 -11.97
CA TYR A 369 -6.55 -17.31 -10.56
C TYR A 369 -5.40 -17.02 -9.59
N ARG A 370 -4.20 -16.83 -10.14
CA ARG A 370 -3.02 -16.61 -9.32
C ARG A 370 -2.84 -15.13 -9.01
N THR A 371 -3.81 -14.61 -8.27
CA THR A 371 -3.81 -13.22 -7.81
C THR A 371 -4.74 -13.13 -6.60
N GLY A 372 -4.74 -11.99 -5.92
CA GLY A 372 -5.60 -11.81 -4.73
C GLY A 372 -7.08 -11.94 -5.02
N ALA A 373 -7.86 -12.28 -4.00
CA ALA A 373 -9.32 -12.32 -4.13
C ALA A 373 -9.84 -10.95 -4.63
N ASN A 374 -9.34 -9.89 -4.01
CA ASN A 374 -9.31 -8.56 -4.63
C ASN A 374 -7.99 -7.88 -4.24
N PRO A 375 -7.64 -6.74 -4.89
CA PRO A 375 -6.33 -6.15 -4.58
C PRO A 375 -6.11 -5.80 -3.09
N GLY A 376 -7.19 -5.47 -2.37
CA GLY A 376 -7.10 -5.18 -0.94
C GLY A 376 -6.69 -6.38 -0.09
N PHE A 377 -7.06 -7.57 -0.53
CA PHE A 377 -6.72 -8.81 0.19
C PHE A 377 -5.23 -9.06 0.19
N HIS A 378 -4.59 -8.85 -0.96
CA HIS A 378 -3.16 -9.03 -1.09
C HIS A 378 -2.40 -8.11 -0.13
N GLU A 379 -2.89 -6.88 0.00
CA GLU A 379 -2.28 -5.88 0.88
C GLU A 379 -2.53 -6.15 2.37
N ALA A 380 -3.59 -6.90 2.69
CA ALA A 380 -3.97 -7.10 4.08
C ALA A 380 -3.17 -8.18 4.83
N VAL A 381 -2.75 -9.22 4.11
CA VAL A 381 -2.15 -10.41 4.74
C VAL A 381 -0.99 -10.07 5.71
N GLY A 382 0.05 -9.43 5.18
CA GLY A 382 1.23 -9.06 5.96
C GLY A 382 0.94 -8.10 7.10
N ASP A 383 0.01 -7.17 6.86
CA ASP A 383 -0.39 -6.19 7.87
C ASP A 383 -1.07 -6.84 9.08
N VAL A 384 -1.77 -7.94 8.86
CA VAL A 384 -2.35 -8.71 9.96
C VAL A 384 -1.26 -9.19 10.91
N LEU A 385 -0.17 -9.72 10.35
CA LEU A 385 0.96 -10.17 11.18
C LEU A 385 1.63 -8.99 11.87
N SER A 386 1.84 -7.91 11.12
CA SER A 386 2.44 -6.69 11.65
C SER A 386 1.69 -6.12 12.84
N LEU A 387 0.36 -6.25 12.83
CA LEU A 387 -0.46 -5.82 13.97
C LEU A 387 -0.07 -6.57 15.24
N SER A 388 0.19 -7.88 15.13
CA SER A 388 0.59 -8.64 16.30
C SER A 388 2.06 -8.49 16.65
N VAL A 389 2.94 -8.36 15.65
CA VAL A 389 4.37 -8.13 15.94
C VAL A 389 4.60 -6.79 16.66
N SER A 390 3.73 -5.82 16.40
CA SER A 390 3.83 -4.48 17.00
C SER A 390 3.38 -4.43 18.46
N THR A 391 2.73 -5.50 18.94
CA THR A 391 2.21 -5.51 20.30
C THR A 391 3.34 -5.57 21.32
N PRO A 392 3.15 -4.90 22.47
CA PRO A 392 4.07 -5.08 23.59
C PRO A 392 4.23 -6.56 23.94
N LYS A 393 3.13 -7.31 23.87
CA LYS A 393 3.14 -8.75 24.13
C LYS A 393 4.19 -9.48 23.30
N HIS A 394 4.16 -9.26 21.98
CA HIS A 394 5.10 -9.94 21.09
C HIS A 394 6.51 -9.38 21.20
N LEU A 395 6.63 -8.05 21.30
CA LEU A 395 7.95 -7.42 21.33
C LEU A 395 8.75 -7.80 22.58
N GLU A 396 8.05 -8.07 23.68
CA GLU A 396 8.69 -8.59 24.90
C GLU A 396 9.20 -10.02 24.72
N LYS A 397 8.42 -10.87 24.04
CA LYS A 397 8.81 -12.25 23.74
C LYS A 397 10.15 -12.33 22.99
N ILE A 398 10.35 -11.44 22.03
CA ILE A 398 11.55 -11.46 21.21
C ILE A 398 12.67 -10.57 21.75
N GLY A 399 12.48 -10.06 22.96
CA GLY A 399 13.51 -9.30 23.68
C GLY A 399 13.83 -7.92 23.15
N LEU A 400 12.91 -7.32 22.40
CA LEU A 400 13.11 -6.00 21.82
C LEU A 400 12.54 -4.87 22.70
N LEU A 401 11.66 -5.24 23.62
CA LEU A 401 11.03 -4.29 24.53
C LEU A 401 11.28 -4.74 25.96
N LYS A 402 12.01 -3.90 26.71
CA LYS A 402 12.44 -4.27 28.06
C LYS A 402 11.89 -3.32 29.11
N ASP A 403 11.62 -3.89 30.30
CA ASP A 403 11.13 -3.16 31.47
C ASP A 403 9.85 -2.36 31.19
N TYR A 404 8.90 -3.02 30.51
CA TYR A 404 7.65 -2.40 30.09
C TYR A 404 6.53 -2.75 31.05
N VAL A 405 5.89 -1.73 31.62
CA VAL A 405 4.72 -1.91 32.48
C VAL A 405 3.48 -1.46 31.69
N ARG A 406 2.53 -2.38 31.52
CA ARG A 406 1.37 -2.12 30.67
C ARG A 406 0.17 -1.59 31.46
N ASP A 407 0.31 -0.41 32.04
CA ASP A 407 -0.81 0.25 32.72
C ASP A 407 -1.73 0.94 31.70
N ASP A 408 -2.81 1.54 32.18
CA ASP A 408 -3.79 2.21 31.33
C ASP A 408 -3.18 3.29 30.44
N GLU A 409 -2.19 4.01 30.97
CA GLU A 409 -1.56 5.12 30.26
C GLU A 409 -0.59 4.66 29.18
N ALA A 410 0.14 3.58 29.44
CA ALA A 410 0.97 2.94 28.43
C ALA A 410 0.09 2.35 27.32
N ARG A 411 -1.07 1.82 27.68
CA ARG A 411 -2.01 1.28 26.69
C ARG A 411 -2.51 2.37 25.74
N ILE A 412 -2.80 3.55 26.28
CA ILE A 412 -3.26 4.70 25.48
C ILE A 412 -2.16 5.19 24.54
N ASN A 413 -0.93 5.27 25.03
CA ASN A 413 0.22 5.58 24.19
C ASN A 413 0.33 4.63 22.98
N GLN A 414 0.17 3.34 23.24
CA GLN A 414 0.30 2.29 22.20
C GLN A 414 -0.85 2.35 21.19
N LEU A 415 -2.08 2.50 21.69
CA LEU A 415 -3.24 2.71 20.81
C LEU A 415 -3.06 3.96 19.94
N PHE A 416 -2.61 5.05 20.55
CA PHE A 416 -2.41 6.30 19.81
C PHE A 416 -1.33 6.13 18.74
N LEU A 417 -0.22 5.51 19.13
CA LEU A 417 0.87 5.22 18.20
C LEU A 417 0.37 4.42 17.00
N THR A 418 -0.46 3.41 17.25
CA THR A 418 -1.02 2.58 16.18
C THR A 418 -1.94 3.41 15.28
N ALA A 419 -2.77 4.25 15.91
CA ALA A 419 -3.69 5.13 15.19
C ALA A 419 -2.97 6.13 14.30
N LEU A 420 -1.78 6.57 14.71
CA LEU A 420 -0.98 7.50 13.91
C LEU A 420 -0.55 6.90 12.58
N ASP A 421 -0.55 5.57 12.50
CA ASP A 421 -0.36 4.85 11.25
C ASP A 421 -1.72 4.53 10.61
N LYS A 422 -2.57 3.81 11.34
CA LYS A 422 -3.76 3.19 10.76
C LYS A 422 -4.94 4.13 10.46
N ILE A 423 -5.26 5.04 11.37
CA ILE A 423 -6.36 5.97 11.14
C ILE A 423 -5.93 7.11 10.22
N VAL A 424 -4.78 7.69 10.51
CA VAL A 424 -4.20 8.78 9.71
C VAL A 424 -4.12 8.43 8.23
N PHE A 425 -3.78 7.18 7.93
CA PHE A 425 -3.65 6.68 6.57
C PHE A 425 -4.95 6.66 5.75
N LEU A 426 -6.09 6.52 6.41
CA LEU A 426 -7.35 6.33 5.68
C LEU A 426 -7.73 7.52 4.76
N PRO A 427 -7.78 8.76 5.29
CA PRO A 427 -8.08 9.85 4.35
C PRO A 427 -6.99 10.02 3.29
N PHE A 428 -5.74 9.74 3.64
CA PHE A 428 -4.65 9.80 2.66
C PHE A 428 -4.93 8.87 1.49
N ALA A 429 -5.17 7.60 1.81
CA ALA A 429 -5.39 6.55 0.81
C ALA A 429 -6.58 6.86 -0.08
N PHE A 430 -7.63 7.42 0.52
CA PHE A 430 -8.84 7.74 -0.23
C PHE A 430 -8.55 8.80 -1.28
N THR A 431 -7.76 9.80 -0.91
CA THR A 431 -7.47 10.93 -1.82
C THR A 431 -6.58 10.57 -2.99
N MET A 432 -5.67 9.61 -2.82
CA MET A 432 -4.76 9.20 -3.90
C MET A 432 -5.55 8.74 -5.11
N ASP A 433 -6.59 7.93 -4.87
CA ASP A 433 -7.43 7.46 -5.96
C ASP A 433 -8.57 8.43 -6.33
N LYS A 434 -9.17 9.09 -5.33
CA LYS A 434 -10.17 10.13 -5.63
C LYS A 434 -9.62 11.14 -6.63
N TYR A 435 -8.36 11.52 -6.45
CA TYR A 435 -7.69 12.43 -7.35
C TYR A 435 -7.55 11.85 -8.75
N ARG A 436 -6.99 10.65 -8.82
CA ARG A 436 -6.74 10.01 -10.11
C ARG A 436 -8.03 9.64 -10.82
N TRP A 437 -9.03 9.20 -10.06
CA TRP A 437 -10.36 8.98 -10.63
C TRP A 437 -10.87 10.25 -11.29
N SER A 438 -10.72 11.39 -10.61
CA SER A 438 -11.25 12.66 -11.14
C SER A 438 -10.54 13.10 -12.42
N LEU A 439 -9.24 12.80 -12.53
CA LEU A 439 -8.50 13.07 -13.77
C LEU A 439 -8.89 12.09 -14.88
N PHE A 440 -8.96 10.80 -14.53
CA PHE A 440 -9.36 9.75 -15.47
C PHE A 440 -10.75 9.99 -16.06
N ARG A 441 -11.68 10.47 -15.23
CA ARG A 441 -13.07 10.70 -15.62
C ARG A 441 -13.29 12.04 -16.35
N GLY A 442 -12.23 12.83 -16.46
CA GLY A 442 -12.28 14.12 -17.15
C GLY A 442 -13.04 15.19 -16.38
N GLU A 443 -12.99 15.11 -15.05
CA GLU A 443 -13.76 16.02 -14.19
C GLU A 443 -13.00 17.29 -13.82
N VAL A 444 -11.69 17.28 -14.04
CA VAL A 444 -10.84 18.44 -13.74
C VAL A 444 -10.13 18.89 -15.02
N ASP A 445 -10.24 20.17 -15.35
CA ASP A 445 -9.53 20.73 -16.49
C ASP A 445 -8.04 20.76 -16.20
N LYS A 446 -7.23 20.53 -17.24
CA LYS A 446 -5.77 20.47 -17.13
C LYS A 446 -5.17 21.67 -16.40
N ALA A 447 -5.79 22.83 -16.57
CA ALA A 447 -5.33 24.07 -15.93
C ALA A 447 -5.47 24.06 -14.41
N ASN A 448 -6.26 23.12 -13.87
CA ASN A 448 -6.56 23.07 -12.44
C ASN A 448 -6.07 21.79 -11.74
N TRP A 449 -5.20 21.04 -12.42
CA TRP A 449 -4.79 19.72 -11.95
C TRP A 449 -4.04 19.72 -10.63
N ASN A 450 -3.12 20.68 -10.44
CA ASN A 450 -2.37 20.69 -9.19
C ASN A 450 -3.15 21.16 -7.97
N CYS A 451 -3.98 22.19 -8.13
CA CYS A 451 -4.77 22.66 -7.00
C CYS A 451 -5.92 21.69 -6.67
N ALA A 452 -6.37 20.92 -7.67
CA ALA A 452 -7.30 19.82 -7.44
C ALA A 452 -6.70 18.76 -6.50
N PHE A 453 -5.39 18.53 -6.62
CA PHE A 453 -4.67 17.62 -5.72
C PHE A 453 -4.66 18.14 -4.28
N TRP A 454 -4.16 19.35 -4.09
CA TRP A 454 -4.05 19.93 -2.76
C TRP A 454 -5.41 20.21 -2.12
N LYS A 455 -6.42 20.51 -2.94
CA LYS A 455 -7.82 20.63 -2.45
C LYS A 455 -8.31 19.38 -1.74
N LEU A 456 -8.05 18.22 -2.34
CA LEU A 456 -8.43 16.95 -1.74
C LEU A 456 -7.65 16.64 -0.48
N ARG A 457 -6.34 16.90 -0.50
CA ARG A 457 -5.48 16.69 0.68
C ARG A 457 -5.94 17.57 1.85
N ASP A 458 -6.43 18.76 1.53
CA ASP A 458 -7.03 19.67 2.50
C ASP A 458 -8.36 19.11 3.02
N GLU A 459 -9.31 18.89 2.11
CA GLU A 459 -10.66 18.46 2.46
C GLU A 459 -10.68 17.21 3.35
N TYR A 460 -9.87 16.22 3.01
CA TYR A 460 -9.93 14.93 3.70
C TYR A 460 -8.93 14.77 4.83
N SER A 461 -7.70 15.21 4.61
CA SER A 461 -6.64 15.01 5.60
C SER A 461 -6.35 16.22 6.49
N GLY A 462 -6.75 17.41 6.04
CA GLY A 462 -6.48 18.64 6.79
C GLY A 462 -5.02 18.97 6.89
N ILE A 463 -4.29 18.69 5.81
CA ILE A 463 -2.87 19.02 5.74
C ILE A 463 -2.63 19.93 4.53
N GLU A 464 -1.48 20.60 4.49
CA GLU A 464 -1.12 21.50 3.40
C GLU A 464 0.40 21.54 3.19
N PRO A 465 0.85 21.95 1.99
CA PRO A 465 2.27 22.14 1.72
C PRO A 465 2.90 23.18 2.66
N PRO A 466 4.21 23.04 2.91
CA PRO A 466 4.94 24.00 3.76
C PRO A 466 5.13 25.34 3.07
N VAL A 467 5.00 25.37 1.76
CA VAL A 467 5.17 26.59 0.97
C VAL A 467 4.02 26.72 -0.02
N VAL A 468 3.82 27.93 -0.54
CA VAL A 468 2.79 28.18 -1.53
C VAL A 468 3.12 27.46 -2.84
N ARG A 469 2.17 26.67 -3.33
CA ARG A 469 2.28 26.01 -4.62
C ARG A 469 1.28 26.63 -5.60
N SER A 470 1.42 26.32 -6.88
CA SER A 470 0.52 26.80 -7.90
C SER A 470 0.46 25.81 -9.05
N GLU A 471 -0.20 26.20 -10.14
CA GLU A 471 -0.29 25.35 -11.31
C GLU A 471 1.01 25.31 -12.10
N LYS A 472 2.01 26.03 -11.60
CA LYS A 472 3.37 25.92 -12.13
C LYS A 472 4.07 24.70 -11.56
N ASP A 473 3.52 24.16 -10.48
CA ASP A 473 4.03 22.94 -9.86
C ASP A 473 3.08 21.79 -10.21
N PHE A 474 3.58 20.55 -10.09
CA PHE A 474 2.73 19.37 -10.26
C PHE A 474 3.15 18.30 -9.27
N ASP A 475 2.44 18.23 -8.16
CA ASP A 475 2.93 17.54 -6.96
C ASP A 475 2.54 16.07 -6.78
N ALA A 476 1.46 15.66 -7.42
CA ALA A 476 0.95 14.29 -7.28
C ALA A 476 1.99 13.18 -7.54
N PRO A 477 2.78 13.28 -8.64
CA PRO A 477 3.73 12.20 -8.94
C PRO A 477 4.91 12.07 -7.97
N ALA A 478 5.01 12.99 -7.00
CA ALA A 478 6.04 12.86 -5.95
C ALA A 478 5.77 11.67 -5.04
N LYS A 479 4.58 11.08 -5.16
CA LYS A 479 4.26 9.82 -4.49
C LYS A 479 4.53 8.66 -5.46
N TYR A 480 5.33 7.70 -5.03
CA TYR A 480 5.77 6.58 -5.87
C TYR A 480 4.64 5.96 -6.71
N HIS A 481 3.55 5.57 -6.06
CA HIS A 481 2.43 4.89 -6.69
C HIS A 481 1.82 5.68 -7.84
N ILE A 482 1.88 7.01 -7.73
CA ILE A 482 1.36 7.86 -8.79
C ILE A 482 2.31 7.89 -9.99
N SER A 483 3.61 8.01 -9.73
CA SER A 483 4.61 7.92 -10.81
C SER A 483 4.65 6.54 -11.44
N ALA A 484 4.38 5.50 -10.64
CA ALA A 484 4.54 4.11 -11.09
C ALA A 484 3.23 3.45 -11.54
N ASP A 485 2.14 4.23 -11.56
CA ASP A 485 0.82 3.76 -12.02
C ASP A 485 0.36 2.51 -11.25
N VAL A 486 0.34 2.64 -9.93
CA VAL A 486 -0.15 1.60 -9.04
C VAL A 486 -1.41 2.12 -8.35
N GLU A 487 -2.52 1.45 -8.60
CA GLU A 487 -3.81 1.76 -7.97
C GLU A 487 -3.66 1.79 -6.44
N TYR A 488 -4.32 2.74 -5.79
CA TYR A 488 -4.10 2.94 -4.35
C TYR A 488 -5.26 2.50 -3.46
N LEU A 489 -6.45 2.36 -4.04
CA LEU A 489 -7.63 1.96 -3.28
C LEU A 489 -7.42 0.64 -2.54
N ARG A 490 -6.57 -0.23 -3.09
CA ARG A 490 -6.16 -1.46 -2.42
C ARG A 490 -5.72 -1.24 -0.98
N TYR A 491 -5.07 -0.11 -0.71
CA TYR A 491 -4.55 0.17 0.64
C TYR A 491 -5.65 0.66 1.58
N LEU A 492 -6.59 1.44 1.05
CA LEU A 492 -7.77 1.81 1.82
C LEU A 492 -8.55 0.56 2.22
N VAL A 493 -8.82 -0.31 1.24
CA VAL A 493 -9.51 -1.58 1.47
C VAL A 493 -8.76 -2.44 2.49
N SER A 494 -7.45 -2.54 2.31
CA SER A 494 -6.58 -3.31 3.21
C SER A 494 -6.67 -2.84 4.66
N PHE A 495 -6.53 -1.54 4.88
CA PHE A 495 -6.54 -0.99 6.23
C PHE A 495 -7.86 -1.22 6.97
N ILE A 496 -8.95 -1.35 6.22
CA ILE A 496 -10.24 -1.72 6.80
C ILE A 496 -10.28 -3.23 7.07
N ILE A 497 -10.08 -4.04 6.03
CA ILE A 497 -10.28 -5.48 6.13
C ILE A 497 -9.25 -6.20 7.00
N GLN A 498 -8.05 -5.63 7.15
CA GLN A 498 -7.01 -6.26 7.98
C GLN A 498 -7.44 -6.36 9.44
N PHE A 499 -8.30 -5.45 9.89
CA PHE A 499 -8.86 -5.53 11.22
C PHE A 499 -9.96 -6.59 11.33
N GLN A 500 -10.67 -6.84 10.23
CA GLN A 500 -11.61 -7.95 10.16
C GLN A 500 -10.85 -9.29 10.27
N PHE A 501 -9.75 -9.40 9.54
CA PHE A 501 -8.90 -10.59 9.60
C PHE A 501 -8.24 -10.75 10.96
N TYR A 502 -7.70 -9.66 11.49
CA TYR A 502 -6.99 -9.68 12.77
C TYR A 502 -7.92 -10.08 13.92
N LYS A 503 -9.10 -9.47 13.97
CA LYS A 503 -10.07 -9.75 15.02
C LYS A 503 -10.46 -11.23 15.03
N SER A 504 -10.82 -11.76 13.86
CA SER A 504 -11.18 -13.17 13.72
C SER A 504 -10.02 -14.11 14.04
N ALA A 505 -8.83 -13.80 13.54
CA ALA A 505 -7.64 -14.59 13.82
C ALA A 505 -7.35 -14.63 15.33
N CYS A 506 -7.56 -13.50 16.00
CA CYS A 506 -7.34 -13.40 17.44
C CYS A 506 -8.36 -14.19 18.25
N ILE A 507 -9.62 -14.20 17.80
CA ILE A 507 -10.64 -15.03 18.43
C ILE A 507 -10.28 -16.52 18.29
N LYS A 508 -9.88 -16.92 17.08
CA LYS A 508 -9.46 -18.30 16.79
C LYS A 508 -8.24 -18.71 17.61
N ALA A 509 -7.33 -17.76 17.84
CA ALA A 509 -6.10 -18.02 18.60
C ALA A 509 -6.35 -18.07 20.10
N GLY A 510 -7.57 -17.73 20.53
CA GLY A 510 -7.91 -17.64 21.95
C GLY A 510 -7.32 -16.39 22.61
N GLN A 511 -6.89 -15.45 21.77
CA GLN A 511 -6.19 -14.25 22.22
C GLN A 511 -7.10 -13.03 22.41
N TYR A 512 -8.36 -13.15 22.00
CA TYR A 512 -9.31 -12.06 22.18
C TYR A 512 -10.68 -12.50 22.65
N ASP A 513 -11.10 -11.94 23.77
CA ASP A 513 -12.44 -12.11 24.32
C ASP A 513 -12.90 -10.72 24.73
N PRO A 514 -13.98 -10.22 24.10
CA PRO A 514 -14.51 -8.88 24.40
C PRO A 514 -15.04 -8.72 25.82
N ASP A 515 -15.19 -9.83 26.53
CA ASP A 515 -15.70 -9.81 27.90
C ASP A 515 -14.63 -10.18 28.92
N ASN A 516 -13.37 -10.12 28.49
CA ASN A 516 -12.24 -10.42 29.36
C ASN A 516 -11.17 -9.32 29.25
N VAL A 517 -10.97 -8.60 30.35
CA VAL A 517 -10.04 -7.46 30.40
C VAL A 517 -8.58 -7.90 30.19
N GLU A 518 -8.31 -9.18 30.40
CA GLU A 518 -6.96 -9.73 30.24
C GLU A 518 -6.61 -10.00 28.77
N LEU A 519 -7.63 -10.04 27.92
CA LEU A 519 -7.44 -10.33 26.50
C LEU A 519 -7.98 -9.21 25.59
N PRO A 520 -7.31 -8.03 25.61
CA PRO A 520 -7.76 -6.94 24.75
C PRO A 520 -7.27 -7.14 23.31
N LEU A 521 -8.03 -6.63 22.35
CA LEU A 521 -7.68 -6.80 20.94
C LEU A 521 -6.32 -6.18 20.59
N ASP A 522 -6.00 -5.06 21.24
CA ASP A 522 -4.75 -4.33 20.99
C ASP A 522 -3.48 -4.97 21.58
N ASN A 523 -3.64 -6.06 22.32
CA ASN A 523 -2.47 -6.83 22.78
C ASN A 523 -2.52 -8.30 22.35
N CYS A 524 -3.15 -8.56 21.21
CA CYS A 524 -3.25 -9.92 20.69
C CYS A 524 -2.00 -10.29 19.89
N ASP A 525 -1.47 -11.48 20.20
CA ASP A 525 -0.35 -12.04 19.45
C ASP A 525 -0.77 -13.39 18.87
N ILE A 526 -0.81 -13.48 17.55
CA ILE A 526 -1.19 -14.72 16.85
C ILE A 526 -0.01 -15.62 16.51
N TYR A 527 1.20 -15.23 16.91
CA TYR A 527 2.39 -16.06 16.73
C TYR A 527 2.12 -17.47 17.25
N GLY A 528 2.48 -18.47 16.45
CA GLY A 528 2.33 -19.87 16.84
C GLY A 528 0.91 -20.42 16.79
N SER A 529 -0.03 -19.62 16.28
CA SER A 529 -1.42 -20.08 16.21
C SER A 529 -1.70 -20.82 14.90
N ALA A 530 -1.78 -22.14 14.99
CA ALA A 530 -2.15 -22.98 13.85
C ALA A 530 -3.60 -22.77 13.45
N ALA A 531 -4.44 -22.47 14.45
CA ALA A 531 -5.85 -22.16 14.21
C ALA A 531 -6.03 -20.91 13.33
N ALA A 532 -5.26 -19.85 13.62
CA ALA A 532 -5.28 -18.65 12.78
C ALA A 532 -4.68 -18.94 11.42
N GLY A 533 -3.60 -19.74 11.40
CA GLY A 533 -2.95 -20.17 10.16
C GLY A 533 -3.87 -20.94 9.23
N ALA A 534 -4.67 -21.83 9.81
CA ALA A 534 -5.64 -22.62 9.05
C ALA A 534 -6.64 -21.75 8.30
N ALA A 535 -7.13 -20.71 8.97
CA ALA A 535 -8.08 -19.77 8.37
C ALA A 535 -7.46 -19.05 7.18
N PHE A 536 -6.20 -18.64 7.34
CA PHE A 536 -5.44 -18.04 6.24
C PHE A 536 -5.24 -18.99 5.08
N HIS A 537 -4.90 -20.24 5.39
CA HIS A 537 -4.72 -21.24 4.34
C HIS A 537 -6.02 -21.43 3.54
N ASN A 538 -7.15 -21.53 4.23
CA ASN A 538 -8.45 -21.68 3.57
C ASN A 538 -8.73 -20.55 2.58
N MET A 539 -8.38 -19.34 2.98
CA MET A 539 -8.64 -18.15 2.16
C MET A 539 -7.58 -17.92 1.09
N LEU A 540 -6.30 -17.95 1.47
CA LEU A 540 -5.23 -17.58 0.54
C LEU A 540 -5.04 -18.57 -0.61
N SER A 541 -5.31 -19.85 -0.35
CA SER A 541 -5.14 -20.90 -1.37
C SER A 541 -6.16 -20.79 -2.49
N MET A 542 -7.25 -20.06 -2.23
CA MET A 542 -8.29 -19.83 -3.23
C MET A 542 -7.84 -18.93 -4.38
N GLY A 543 -6.89 -18.04 -4.11
CA GLY A 543 -6.50 -17.02 -5.08
C GLY A 543 -7.71 -16.20 -5.52
N ALA A 544 -7.85 -16.03 -6.83
CA ALA A 544 -8.99 -15.32 -7.40
C ALA A 544 -10.01 -16.28 -8.01
N SER A 545 -10.02 -17.52 -7.53
CA SER A 545 -10.93 -18.55 -8.06
C SER A 545 -12.40 -18.24 -7.82
N LYS A 546 -12.68 -17.46 -6.77
CA LYS A 546 -14.05 -17.08 -6.43
C LYS A 546 -14.12 -15.58 -6.16
N PRO A 547 -15.32 -14.98 -6.31
CA PRO A 547 -15.49 -13.57 -5.92
C PRO A 547 -15.05 -13.36 -4.47
N TRP A 548 -14.51 -12.17 -4.16
CA TRP A 548 -13.90 -11.94 -2.86
C TRP A 548 -14.76 -12.24 -1.61
N PRO A 549 -16.11 -12.08 -1.70
CA PRO A 549 -16.92 -12.43 -0.52
C PRO A 549 -16.85 -13.90 -0.12
N ASP A 550 -16.63 -14.79 -1.09
CA ASP A 550 -16.45 -16.22 -0.83
C ASP A 550 -15.12 -16.48 -0.15
N ALA A 551 -14.12 -15.66 -0.48
CA ALA A 551 -12.80 -15.79 0.12
C ALA A 551 -12.85 -15.36 1.58
N LEU A 552 -13.54 -14.26 1.85
CA LEU A 552 -13.75 -13.80 3.21
C LEU A 552 -14.54 -14.82 4.03
N GLU A 553 -15.54 -15.43 3.39
CA GLU A 553 -16.37 -16.44 4.04
C GLU A 553 -15.55 -17.67 4.46
N ALA A 554 -14.59 -18.04 3.62
CA ALA A 554 -13.66 -19.14 3.90
C ALA A 554 -12.78 -18.85 5.10
N PHE A 555 -12.51 -17.57 5.35
CA PHE A 555 -11.71 -17.16 6.49
C PHE A 555 -12.50 -17.17 7.79
N ASN A 556 -13.66 -16.52 7.82
CA ASN A 556 -14.41 -16.33 9.07
C ASN A 556 -15.92 -16.43 8.98
N GLY A 557 -16.44 -16.85 7.83
CA GLY A 557 -17.88 -16.96 7.64
C GLY A 557 -18.61 -15.69 7.24
N GLU A 558 -17.90 -14.56 7.24
CA GLU A 558 -18.51 -13.28 6.83
C GLU A 558 -18.40 -13.05 5.33
N ARG A 559 -19.23 -12.16 4.80
CA ARG A 559 -19.27 -11.88 3.35
C ARG A 559 -19.25 -10.39 3.04
N ILE A 560 -19.21 -9.57 4.09
CA ILE A 560 -19.32 -8.12 3.94
C ILE A 560 -18.07 -7.41 4.45
N MET A 561 -17.55 -6.48 3.66
CA MET A 561 -16.54 -5.52 4.11
C MET A 561 -17.18 -4.60 5.16
N SER A 562 -16.59 -4.55 6.35
CA SER A 562 -17.18 -3.80 7.45
C SER A 562 -16.14 -3.00 8.24
N GLY A 563 -16.55 -1.80 8.69
CA GLY A 563 -15.70 -0.96 9.54
C GLY A 563 -15.85 -1.25 11.02
N LYS A 564 -16.65 -2.25 11.35
CA LYS A 564 -16.92 -2.63 12.74
C LYS A 564 -15.63 -3.02 13.47
N ALA A 565 -14.78 -3.82 12.84
CA ALA A 565 -13.57 -4.33 13.48
C ALA A 565 -12.53 -3.24 13.81
N ILE A 566 -12.27 -2.33 12.86
CA ILE A 566 -11.32 -1.24 13.12
C ILE A 566 -11.84 -0.31 14.24
N ALA A 567 -13.13 -0.04 14.22
CA ALA A 567 -13.76 0.78 15.26
C ALA A 567 -13.67 0.12 16.64
N GLU A 568 -13.88 -1.20 16.68
CA GLU A 568 -13.78 -1.98 17.90
C GLU A 568 -12.36 -1.93 18.49
N TYR A 569 -11.37 -2.04 17.61
CA TYR A 569 -9.96 -1.96 18.00
C TYR A 569 -9.62 -0.63 18.68
N PHE A 570 -10.06 0.48 18.09
CA PHE A 570 -9.69 1.80 18.58
C PHE A 570 -10.69 2.44 19.56
N GLU A 571 -11.78 1.72 19.86
CA GLU A 571 -12.82 2.24 20.76
C GLU A 571 -12.28 2.79 22.11
N PRO A 572 -11.37 2.05 22.78
CA PRO A 572 -10.78 2.63 24.00
C PRO A 572 -10.03 3.95 23.77
N LEU A 573 -9.36 4.08 22.63
CA LEU A 573 -8.70 5.35 22.28
C LEU A 573 -9.72 6.46 22.02
N ARG A 574 -10.78 6.15 21.29
CA ARG A 574 -11.81 7.12 20.93
C ARG A 574 -12.42 7.77 22.19
N VAL A 575 -12.85 6.92 23.12
CA VAL A 575 -13.42 7.36 24.39
C VAL A 575 -12.46 8.29 25.12
N TRP A 576 -11.20 7.87 25.25
CA TRP A 576 -10.20 8.67 25.95
C TRP A 576 -9.91 9.98 25.25
N LEU A 577 -9.73 9.93 23.93
CA LEU A 577 -9.31 11.09 23.14
C LEU A 577 -10.38 12.17 23.07
N GLU A 578 -11.63 11.75 22.93
CA GLU A 578 -12.76 12.68 22.97
C GLU A 578 -12.76 13.45 24.28
N ALA A 579 -12.58 12.75 25.40
CA ALA A 579 -12.52 13.39 26.72
C ALA A 579 -11.32 14.33 26.84
N GLU A 580 -10.18 13.89 26.32
CA GLU A 580 -8.93 14.66 26.42
C GLU A 580 -8.97 15.96 25.61
N ASN A 581 -9.58 15.91 24.43
CA ASN A 581 -9.75 17.10 23.62
C ASN A 581 -10.70 18.12 24.26
N ILE A 582 -11.75 17.61 24.90
CA ILE A 582 -12.69 18.46 25.64
C ILE A 582 -11.99 19.07 26.86
N LYS A 583 -11.27 18.24 27.62
CA LYS A 583 -10.48 18.71 28.76
C LYS A 583 -9.56 19.88 28.42
N ASN A 584 -8.93 19.79 27.25
CA ASN A 584 -7.92 20.74 26.82
C ASN A 584 -8.46 21.79 25.85
N ASN A 585 -9.79 21.83 25.69
CA ASN A 585 -10.46 22.81 24.82
C ASN A 585 -9.84 22.81 23.43
N VAL A 586 -9.59 21.62 22.89
CA VAL A 586 -8.88 21.45 21.63
C VAL A 586 -9.80 21.76 20.45
N HIS A 587 -9.38 22.69 19.61
CA HIS A 587 -10.12 23.02 18.39
C HIS A 587 -10.09 21.85 17.41
N ILE A 588 -11.26 21.52 16.88
CA ILE A 588 -11.43 20.41 15.94
C ILE A 588 -11.88 20.99 14.60
N GLY A 589 -11.31 20.46 13.52
CA GLY A 589 -11.65 20.92 12.17
C GLY A 589 -10.67 21.98 11.69
N TRP A 590 -10.81 22.39 10.43
CA TRP A 590 -9.85 23.33 9.86
C TRP A 590 -10.45 24.22 8.77
N THR A 591 -9.87 25.40 8.64
CA THR A 591 -10.21 26.33 7.58
C THR A 591 -9.60 25.86 6.27
N THR A 592 -10.13 26.36 5.16
CA THR A 592 -9.61 26.05 3.82
C THR A 592 -8.18 26.60 3.66
N SER A 593 -7.31 25.77 3.10
CA SER A 593 -5.90 26.10 2.90
C SER A 593 -5.72 27.24 1.92
N ASN A 594 -4.70 28.07 2.16
CA ASN A 594 -4.30 29.15 1.26
CA ASN A 594 -4.34 29.14 1.21
C ASN A 594 -3.01 28.84 0.51
N LYS A 595 -2.57 27.57 0.59
CA LYS A 595 -1.27 27.18 0.05
C LYS A 595 -1.22 26.77 -1.43
N CYS A 596 -2.37 26.75 -2.12
CA CYS A 596 -2.38 26.54 -3.57
C CYS A 596 -3.07 27.68 -4.30
N VAL A 597 -2.27 28.45 -5.03
CA VAL A 597 -2.77 29.60 -5.80
C VAL A 597 -3.34 29.14 -7.15
N SER A 598 -4.60 29.47 -7.38
CA SER A 598 -5.27 29.15 -8.65
C SER A 598 -4.90 30.15 -9.73
C1 NAG B . -17.22 -2.62 -26.92
C2 NAG B . -16.82 -4.03 -27.36
C3 NAG B . -16.86 -4.17 -28.87
C4 NAG B . -18.19 -3.65 -29.45
C5 NAG B . -18.52 -2.27 -28.88
C6 NAG B . -19.88 -1.78 -29.36
C7 NAG B . -15.19 -5.21 -25.93
C8 NAG B . -13.74 -5.40 -25.62
N2 NAG B . -15.47 -4.34 -26.90
O3 NAG B . -16.68 -5.52 -29.24
O4 NAG B . -18.05 -3.55 -30.86
O5 NAG B . -18.49 -2.29 -27.46
O6 NAG B . -20.04 -0.42 -29.05
O7 NAG B . -16.05 -5.84 -25.32
C1 NAG B . -18.94 -4.41 -31.58
C2 NAG B . -18.91 -3.99 -33.05
C3 NAG B . -19.84 -4.85 -33.89
C4 NAG B . -19.58 -6.34 -33.68
C5 NAG B . -19.40 -6.68 -32.20
C6 NAG B . -18.76 -8.06 -32.07
C7 NAG B . -20.30 -1.91 -33.04
C8 NAG B . -20.26 -0.42 -33.27
N2 NAG B . -19.14 -2.55 -33.21
O3 NAG B . -19.66 -4.52 -35.25
O4 NAG B . -20.67 -7.08 -34.18
O5 NAG B . -18.59 -5.77 -31.48
O6 NAG B . -19.28 -8.67 -30.91
O7 NAG B . -21.36 -2.45 -32.73
C1 BMA B . -20.43 -7.58 -35.51
C2 BMA B . -21.16 -8.91 -35.69
C3 BMA B . -20.97 -9.46 -37.10
C4 BMA B . -21.28 -8.41 -38.17
C5 BMA B . -20.58 -7.08 -37.85
C6 BMA B . -21.01 -5.98 -38.82
O2 BMA B . -22.53 -8.73 -35.39
O3 BMA B . -21.80 -10.57 -37.34
O4 BMA B . -20.87 -8.91 -39.42
O5 BMA B . -20.86 -6.68 -36.52
O6 BMA B . -20.84 -4.72 -38.23
C1 MAN B . -21.06 -11.81 -37.20
C2 MAN B . -21.68 -12.90 -38.08
C3 MAN B . -23.02 -13.34 -37.51
C4 MAN B . -22.98 -13.60 -36.01
C5 MAN B . -22.22 -12.51 -35.25
C6 MAN B . -21.95 -12.83 -33.78
O2 MAN B . -20.79 -14.01 -38.15
O3 MAN B . -23.46 -14.51 -38.19
O4 MAN B . -24.30 -13.72 -35.51
O5 MAN B . -20.96 -12.25 -35.86
O6 MAN B . -21.94 -14.23 -33.61
C1 BMA B . -22.06 -14.64 -32.24
C2 BMA B . -23.52 -14.70 -31.76
C3 BMA B . -24.11 -16.10 -31.86
C4 BMA B . -23.42 -16.90 -32.97
C5 BMA B . -21.92 -17.03 -32.69
C6 BMA B . -21.14 -17.28 -33.98
O2 BMA B . -24.34 -13.82 -32.49
O3 BMA B . -25.50 -16.04 -32.08
O4 BMA B . -24.00 -18.18 -33.08
O5 BMA B . -21.40 -15.89 -32.00
O6 BMA B . -20.03 -18.11 -33.73
C1 MAN B . -20.62 -3.72 -39.25
C2 MAN B . -19.57 -2.71 -38.80
C3 MAN B . -20.11 -1.84 -37.66
C4 MAN B . -21.49 -1.26 -37.96
C5 MAN B . -22.46 -2.21 -38.71
C6 MAN B . -23.52 -1.39 -39.45
O2 MAN B . -19.22 -1.90 -39.90
O3 MAN B . -19.19 -0.80 -37.38
O4 MAN B . -22.09 -0.89 -36.74
O5 MAN B . -21.80 -3.05 -39.66
O6 MAN B . -24.81 -1.92 -39.26
N1 EPE C . 4.22 -6.63 -8.15
C2 EPE C . 4.16 -5.79 -6.93
C3 EPE C . 2.71 -5.49 -6.59
N4 EPE C . 1.90 -6.69 -6.57
C5 EPE C . 2.10 -7.72 -7.56
C6 EPE C . 3.58 -7.92 -7.86
C7 EPE C . 0.80 -6.79 -5.62
C8 EPE C . 0.29 -8.23 -5.50
O8 EPE C . -0.82 -8.41 -6.36
C9 EPE C . 5.61 -6.84 -8.54
C10 EPE C . 5.65 -7.43 -9.95
S EPE C . 5.19 -6.24 -11.22
O1S EPE C . 3.77 -5.89 -11.08
O2S EPE C . 5.42 -6.81 -12.54
O3S EPE C . 6.00 -5.03 -11.08
ZN ZN D . 1.77 -4.46 -0.54
C1 NAG E . -0.69 -27.92 9.48
C2 NAG E . -1.75 -28.45 10.47
C3 NAG E . -2.28 -29.79 10.01
C4 NAG E . -2.78 -29.67 8.59
C5 NAG E . -1.68 -29.11 7.70
C6 NAG E . -2.14 -29.00 6.26
C7 NAG E . -1.98 -28.31 12.87
C8 NAG E . -1.34 -28.43 14.22
N2 NAG E . -1.21 -28.54 11.82
O3 NAG E . -3.32 -30.22 10.87
O4 NAG E . -3.20 -30.92 8.10
O5 NAG E . -1.28 -27.85 8.19
O6 NAG E . -1.74 -27.76 5.72
O7 NAG E . -3.17 -28.01 12.78
C1 NAG F . 23.42 -3.38 -14.93
C2 NAG F . 24.36 -4.48 -14.43
C3 NAG F . 25.56 -4.70 -15.34
C4 NAG F . 25.17 -4.68 -16.82
C5 NAG F . 24.35 -3.44 -17.10
C6 NAG F . 23.97 -3.35 -18.57
C7 NAG F . 24.66 -4.92 -12.06
C8 NAG F . 25.25 -4.45 -10.77
N2 NAG F . 24.86 -4.14 -13.11
O3 NAG F . 26.16 -5.94 -15.03
O4 NAG F . 26.34 -4.68 -17.61
O5 NAG F . 23.18 -3.50 -16.32
O6 NAG F . 22.77 -2.62 -18.71
O7 NAG F . 24.02 -5.97 -12.11
CAK X92 G . 5.50 -2.29 -6.50
CAI X92 G . 5.87 -2.20 -7.84
CAG X92 G . 4.90 -2.31 -8.84
CAH X92 G . 3.56 -2.51 -8.50
CAJ X92 G . 3.18 -2.59 -7.16
CAV X92 G . 4.16 -2.47 -6.15
CAM X92 G . 3.71 -2.59 -4.69
CAP X92 G . 4.23 -1.50 -3.75
CAX X92 G . 4.72 -2.08 -2.40
CAS X92 G . 3.66 -2.95 -1.68
OAE X92 G . 2.47 -2.62 -1.71
OAB X92 G . 4.09 -3.97 -1.12
N X92 G . 5.26 -0.98 -1.56
CA X92 G . 4.87 -0.89 -0.15
CB X92 G . 6.12 -0.68 0.71
C X92 G . 3.95 0.34 -0.01
O X92 G . 4.08 1.25 -0.81
NBB X92 G . 3.04 0.47 0.97
CBA X92 G . 2.71 -0.54 2.01
CAO X92 G . 3.70 -0.51 3.18
CAL X92 G . 2.87 -0.75 4.44
CAN X92 G . 1.41 -0.42 4.08
CAY X92 G . 1.37 -0.04 2.59
CAQ X92 G . 1.42 1.49 2.41
CAZ X92 G . 2.13 1.65 1.07
CAT X92 G . 2.91 2.99 1.00
OAF X92 G . 2.40 3.92 0.34
OAC X92 G . 4.02 3.04 1.55
#